data_5GPE
#
_entry.id   5GPE
#
_cell.length_a   62.938
_cell.length_b   67.903
_cell.length_c   89.723
_cell.angle_alpha   109.33
_cell.angle_beta   89.82
_cell.angle_gamma   90.32
#
_symmetry.space_group_name_H-M   'P 1'
#
loop_
_entity.id
_entity.type
_entity.pdbx_description
1 polymer 'Transcriptional regulator, MerR-family'
2 non-polymer 'LEAD (II) ION'
3 water water
#
_entity_poly.entity_id   1
_entity_poly.type   'polypeptide(L)'
_entity_poly.pdbx_seq_one_letter_code
;MMRIGELGKKADCLVQTVRFYESEGLLPEPARSEGNFRLYDEVHLQRLLFIRRCRAKDMTLDEIRQLLNLRDRPELGCGE
VNALVDAHIAQVRTKMKELRALERELMDLRRSCDSARTSRECGILNSLA
;
_entity_poly.pdbx_strand_id   A,B,C,D,E,F,G,H
#
# COMPACT_ATOMS: atom_id res chain seq x y z
N MET A 1 19.52 6.62 40.19
CA MET A 1 19.30 5.94 38.88
C MET A 1 18.08 5.03 38.99
N MET A 2 17.32 4.93 37.90
CA MET A 2 16.03 4.24 37.85
C MET A 2 15.91 3.35 36.62
N ARG A 3 15.20 2.23 36.79
CA ARG A 3 14.77 1.46 35.62
C ARG A 3 13.52 2.10 35.07
N ILE A 4 13.17 1.70 33.87
CA ILE A 4 12.06 2.31 33.13
C ILE A 4 10.73 2.25 33.89
N GLY A 5 10.48 1.13 34.57
CA GLY A 5 9.30 0.97 35.42
C GLY A 5 9.18 2.05 36.50
N GLU A 6 10.29 2.34 37.17
CA GLU A 6 10.37 3.32 38.28
C GLU A 6 10.21 4.73 37.68
N LEU A 7 10.83 4.97 36.53
CA LEU A 7 10.67 6.23 35.79
C LEU A 7 9.20 6.49 35.45
N GLY A 8 8.55 5.47 34.89
CA GLY A 8 7.12 5.54 34.55
C GLY A 8 6.24 5.86 35.75
N LYS A 9 6.49 5.17 36.86
CA LYS A 9 5.82 5.44 38.13
C LYS A 9 5.95 6.90 38.56
N LYS A 10 7.19 7.40 38.54
CA LYS A 10 7.48 8.79 38.94
C LYS A 10 6.90 9.84 38.00
N ALA A 11 6.83 9.53 36.71
CA ALA A 11 6.24 10.44 35.72
C ALA A 11 4.71 10.27 35.57
N ASP A 12 4.14 9.29 36.26
CA ASP A 12 2.72 8.95 36.16
C ASP A 12 2.31 8.59 34.71
N CYS A 13 3.12 7.74 34.08
CA CYS A 13 2.82 7.23 32.75
C CYS A 13 3.27 5.78 32.58
N LEU A 14 2.73 5.12 31.57
CA LEU A 14 3.06 3.73 31.28
C LEU A 14 4.46 3.58 30.71
N VAL A 15 5.07 2.42 30.98
CA VAL A 15 6.34 2.02 30.37
C VAL A 15 6.23 2.10 28.84
N GLN A 16 5.16 1.54 28.27
CA GLN A 16 4.95 1.62 26.81
C GLN A 16 4.91 3.08 26.27
N THR A 17 4.43 4.01 27.09
CA THR A 17 4.42 5.42 26.72
C THR A 17 5.83 5.99 26.69
N VAL A 18 6.64 5.66 27.70
CA VAL A 18 8.04 6.05 27.72
C VAL A 18 8.75 5.52 26.46
N ARG A 19 8.52 4.25 26.13
CA ARG A 19 9.13 3.62 24.94
C ARG A 19 8.64 4.24 23.63
N PHE A 20 7.39 4.65 23.59
CA PHE A 20 6.86 5.40 22.44
C PHE A 20 7.64 6.71 22.23
N TYR A 21 7.81 7.46 23.32
CA TYR A 21 8.56 8.72 23.26
C TYR A 21 10.01 8.49 22.85
N GLU A 22 10.61 7.40 23.32
CA GLU A 22 11.96 7.01 22.91
C GLU A 22 12.04 6.75 21.41
N SER A 23 11.10 5.95 20.91
CA SER A 23 11.05 5.62 19.47
C SER A 23 10.83 6.87 18.60
N GLU A 24 10.18 7.89 19.16
CA GLU A 24 9.95 9.17 18.46
C GLU A 24 11.05 10.23 18.64
N GLY A 25 12.15 9.87 19.31
CA GLY A 25 13.28 10.78 19.49
C GLY A 25 13.05 11.91 20.48
N LEU A 26 12.09 11.75 21.39
CA LEU A 26 11.78 12.80 22.39
C LEU A 26 12.56 12.68 23.69
N LEU A 27 13.27 11.57 23.90
CA LEU A 27 14.05 11.38 25.13
C LEU A 27 15.56 11.30 24.88
N PRO A 28 16.37 11.88 25.76
CA PRO A 28 17.81 11.72 25.60
C PRO A 28 18.21 10.29 25.90
N GLU A 29 19.43 9.93 25.51
CA GLU A 29 19.94 8.57 25.73
C GLU A 29 19.92 8.21 27.22
N PRO A 30 19.78 6.90 27.54
CA PRO A 30 19.77 6.47 28.95
C PRO A 30 21.07 6.80 29.71
N PHE A 37 21.00 -3.66 29.74
CA PHE A 37 20.02 -2.87 30.53
C PHE A 37 20.37 -1.37 30.48
N ARG A 38 19.32 -0.61 30.72
CA ARG A 38 19.20 0.81 30.46
C ARG A 38 18.78 1.43 31.77
N LEU A 39 19.46 2.51 32.17
CA LEU A 39 19.12 3.24 33.39
C LEU A 39 18.83 4.70 33.08
N TYR A 40 17.90 5.27 33.84
CA TYR A 40 17.43 6.64 33.66
C TYR A 40 17.61 7.41 34.96
N ASP A 41 17.56 8.73 34.87
CA ASP A 41 17.74 9.62 36.02
C ASP A 41 16.81 10.82 35.97
N GLU A 42 17.07 11.81 36.83
CA GLU A 42 16.23 13.00 37.01
C GLU A 42 15.96 13.79 35.72
N VAL A 43 16.95 13.83 34.84
CA VAL A 43 16.84 14.53 33.55
C VAL A 43 15.69 13.94 32.69
N HIS A 44 15.60 12.61 32.68
CA HIS A 44 14.56 11.91 31.92
C HIS A 44 13.18 12.15 32.51
N LEU A 45 13.09 12.17 33.84
CA LEU A 45 11.84 12.46 34.52
C LEU A 45 11.34 13.86 34.17
N GLN A 46 12.23 14.84 34.27
CA GLN A 46 11.85 16.23 33.96
C GLN A 46 11.46 16.42 32.49
N ARG A 47 12.12 15.64 31.63
CA ARG A 47 11.75 15.59 30.21
C ARG A 47 10.31 15.06 29.99
N LEU A 48 9.99 13.95 30.64
CA LEU A 48 8.66 13.37 30.57
C LEU A 48 7.57 14.31 31.08
N LEU A 49 7.86 15.02 32.16
CA LEU A 49 6.92 15.99 32.70
C LEU A 49 6.69 17.15 31.73
N PHE A 50 7.78 17.59 31.08
CA PHE A 50 7.68 18.63 30.05
C PHE A 50 6.79 18.16 28.90
N ILE A 51 7.04 16.95 28.42
CA ILE A 51 6.21 16.34 27.36
C ILE A 51 4.74 16.25 27.77
N ARG A 52 4.50 15.83 29.00
CA ARG A 52 3.16 15.73 29.54
C ARG A 52 2.43 17.04 29.50
N ARG A 53 3.06 18.10 29.93
CA ARG A 53 2.42 19.43 29.96
C ARG A 53 2.13 19.95 28.54
N CYS A 54 3.03 19.68 27.61
CA CYS A 54 2.82 20.04 26.21
C CYS A 54 1.64 19.31 25.58
N ARG A 55 1.55 18.01 25.82
CA ARG A 55 0.46 17.20 25.26
C ARG A 55 -0.88 17.61 25.83
N ALA A 56 -0.90 17.99 27.10
CA ALA A 56 -2.13 18.52 27.74
C ALA A 56 -2.57 19.88 27.20
N LYS A 57 -1.66 20.62 26.55
CA LYS A 57 -2.01 21.84 25.81
C LYS A 57 -2.19 21.57 24.31
N ASP A 58 -2.53 20.34 23.95
CA ASP A 58 -2.92 19.96 22.58
C ASP A 58 -1.76 19.94 21.58
N MET A 59 -0.53 19.98 22.06
CA MET A 59 0.62 19.97 21.15
C MET A 59 0.88 18.60 20.54
N THR A 60 1.18 18.61 19.25
CA THR A 60 1.53 17.38 18.54
C THR A 60 2.98 17.01 18.84
N LEU A 61 3.34 15.79 18.48
CA LEU A 61 4.72 15.31 18.63
C LEU A 61 5.74 16.20 17.85
N ASP A 62 5.33 16.72 16.70
CA ASP A 62 6.18 17.61 15.89
C ASP A 62 6.45 18.94 16.59
N GLU A 63 5.41 19.53 17.16
CA GLU A 63 5.54 20.76 17.93
C GLU A 63 6.43 20.55 19.18
N ILE A 64 6.26 19.40 19.83
CA ILE A 64 7.03 19.07 21.04
C ILE A 64 8.51 18.85 20.73
N ARG A 65 8.78 18.19 19.62
CA ARG A 65 10.12 17.97 19.17
C ARG A 65 10.78 19.32 18.92
N GLN A 66 10.10 20.25 18.26
CA GLN A 66 10.62 21.59 18.07
C GLN A 66 10.90 22.32 19.40
N LEU A 67 9.96 22.25 20.34
CA LEU A 67 10.14 22.93 21.63
C LEU A 67 11.32 22.34 22.41
N LEU A 68 11.45 21.01 22.38
CA LEU A 68 12.57 20.31 23.03
C LEU A 68 13.92 20.69 22.44
N ASN A 69 13.97 20.78 21.12
CA ASN A 69 15.20 21.24 20.46
C ASN A 69 15.62 22.65 20.92
N LEU A 70 14.64 23.55 21.07
CA LEU A 70 14.89 24.91 21.56
C LEU A 70 15.29 24.90 23.04
N ARG A 71 14.62 24.08 23.84
CA ARG A 71 14.96 23.92 25.27
C ARG A 71 16.39 23.42 25.46
N ASP A 72 16.83 22.50 24.60
CA ASP A 72 18.21 21.97 24.64
C ASP A 72 19.30 22.95 24.21
N ARG A 73 18.90 24.10 23.65
CA ARG A 73 19.82 25.10 23.12
C ARG A 73 19.45 26.45 23.70
N PRO A 74 19.81 26.67 24.98
CA PRO A 74 19.40 27.89 25.69
C PRO A 74 19.89 29.20 25.07
N GLU A 75 20.95 29.14 24.27
CA GLU A 75 21.51 30.32 23.59
C GLU A 75 20.70 30.83 22.40
N LEU A 76 19.79 30.01 21.86
CA LEU A 76 18.99 30.37 20.65
C LEU A 76 17.84 31.30 20.99
N GLY A 77 17.45 32.12 20.02
CA GLY A 77 16.34 33.04 20.20
C GLY A 77 15.08 32.24 20.42
N CYS A 78 14.17 32.77 21.23
CA CYS A 78 12.91 32.06 21.51
C CYS A 78 11.68 32.57 20.74
N GLY A 79 11.88 33.50 19.79
CA GLY A 79 10.79 34.03 18.96
C GLY A 79 9.94 32.99 18.26
N GLU A 80 10.56 31.91 17.80
CA GLU A 80 9.83 30.83 17.17
C GLU A 80 8.92 30.06 18.12
N VAL A 81 9.19 30.11 19.41
CA VAL A 81 8.29 29.52 20.41
C VAL A 81 6.96 30.29 20.44
N ASN A 82 7.04 31.62 20.46
CA ASN A 82 5.86 32.50 20.41
C ASN A 82 5.04 32.24 19.14
N ALA A 83 5.75 32.12 18.01
CA ALA A 83 5.10 31.84 16.72
C ALA A 83 4.39 30.48 16.70
N LEU A 84 4.98 29.49 17.35
CA LEU A 84 4.38 28.16 17.43
C LEU A 84 3.05 28.21 18.20
N VAL A 85 3.07 28.89 19.35
CA VAL A 85 1.86 29.01 20.16
C VAL A 85 0.80 29.87 19.44
N ASP A 86 1.22 30.97 18.82
CA ASP A 86 0.30 31.80 18.04
C ASP A 86 -0.37 31.02 16.92
N ALA A 87 0.39 30.20 16.21
CA ALA A 87 -0.16 29.39 15.11
C ALA A 87 -1.16 28.37 15.65
N HIS A 88 -0.87 27.82 16.83
CA HIS A 88 -1.78 26.87 17.45
C HIS A 88 -3.10 27.52 17.86
N ILE A 89 -3.00 28.71 18.44
CA ILE A 89 -4.18 29.50 18.80
C ILE A 89 -5.05 29.79 17.55
N ALA A 90 -4.41 30.21 16.47
CA ALA A 90 -5.12 30.46 15.19
C ALA A 90 -5.84 29.21 14.69
N GLN A 91 -5.16 28.07 14.77
CA GLN A 91 -5.75 26.76 14.41
C GLN A 91 -7.01 26.41 15.20
N VAL A 92 -6.94 26.61 16.51
CA VAL A 92 -8.04 26.31 17.40
C VAL A 92 -9.24 27.23 17.12
N ARG A 93 -8.97 28.49 16.83
CA ARG A 93 -10.02 29.48 16.52
C ARG A 93 -10.78 29.12 15.24
N THR A 94 -10.05 28.67 14.22
CA THR A 94 -10.67 28.23 12.97
C THR A 94 -11.53 26.97 13.20
N LYS A 95 -11.00 26.04 13.99
CA LYS A 95 -11.74 24.81 14.31
C LYS A 95 -13.04 25.11 15.05
N MET A 96 -13.02 26.07 15.98
CA MET A 96 -14.24 26.49 16.70
C MET A 96 -15.32 27.05 15.75
N LYS A 97 -14.91 27.83 14.77
CA LYS A 97 -15.83 28.35 13.76
C LYS A 97 -16.47 27.23 12.95
N GLU A 98 -15.63 26.30 12.50
CA GLU A 98 -16.09 25.14 11.74
C GLU A 98 -17.05 24.27 12.55
N LEU A 99 -16.73 24.03 13.81
CA LEU A 99 -17.61 23.24 14.69
C LEU A 99 -18.96 23.88 14.95
N ARG A 100 -19.00 25.20 15.11
CA ARG A 100 -20.28 25.89 15.31
C ARG A 100 -21.13 25.75 14.05
N ALA A 101 -20.51 25.91 12.89
CA ALA A 101 -21.25 25.74 11.62
C ALA A 101 -21.76 24.31 11.50
N LEU A 102 -20.95 23.33 11.93
CA LEU A 102 -21.36 21.93 11.92
C LEU A 102 -22.56 21.72 12.85
N GLU A 103 -22.50 22.29 14.05
CA GLU A 103 -23.61 22.20 15.01
C GLU A 103 -24.91 22.70 14.38
N ARG A 104 -24.86 23.87 13.75
CA ARG A 104 -26.04 24.47 13.13
C ARG A 104 -26.57 23.60 11.98
N GLU A 105 -25.64 22.99 11.24
CA GLU A 105 -25.97 22.07 10.14
C GLU A 105 -26.71 20.82 10.66
N LEU A 106 -26.19 20.25 11.74
CA LEU A 106 -26.79 19.09 12.36
C LEU A 106 -28.14 19.39 12.99
N MET A 107 -28.29 20.57 13.59
CA MET A 107 -29.59 21.01 14.13
C MET A 107 -30.65 21.12 13.02
N ASP A 108 -30.25 21.63 11.87
CA ASP A 108 -31.14 21.69 10.69
C ASP A 108 -31.54 20.26 10.24
N LEU A 109 -30.55 19.36 10.18
CA LEU A 109 -30.79 17.97 9.84
C LEU A 109 -31.81 17.33 10.80
N ARG A 110 -31.59 17.51 12.11
CA ARG A 110 -32.50 16.98 13.11
C ARG A 110 -33.95 17.51 12.98
N ARG A 111 -34.08 18.80 12.67
CA ARG A 111 -35.41 19.43 12.47
C ARG A 111 -36.22 18.85 11.30
N SER A 112 -35.54 18.15 10.39
CA SER A 112 -36.17 17.60 9.20
C SER A 112 -37.03 16.37 9.54
N CYS A 113 -36.93 15.81 10.76
CA CYS A 113 -37.77 14.66 11.14
C CYS A 113 -38.36 14.80 12.54
N ASP A 114 -39.46 14.07 12.75
CA ASP A 114 -40.25 14.11 14.01
C ASP A 114 -40.17 12.74 14.72
N SER A 115 -40.93 12.58 15.81
CA SER A 115 -40.95 11.36 16.63
C SER A 115 -41.65 10.12 16.07
N ALA A 116 -42.64 10.28 15.18
CA ALA A 116 -43.48 9.15 14.81
C ALA A 116 -43.48 8.86 13.29
N ARG A 117 -42.38 8.33 12.76
CA ARG A 117 -42.27 7.94 11.34
C ARG A 117 -41.53 6.62 11.13
N THR A 118 -41.61 6.12 9.90
CA THR A 118 -40.85 4.96 9.47
C THR A 118 -39.59 5.43 8.75
N SER A 119 -38.65 4.50 8.61
CA SER A 119 -37.43 4.72 7.86
C SER A 119 -37.71 5.21 6.42
N ARG A 120 -38.70 4.62 5.77
CA ARG A 120 -39.13 5.06 4.42
C ARG A 120 -39.45 6.56 4.35
N GLU A 121 -40.10 7.08 5.40
CA GLU A 121 -40.53 8.49 5.45
C GLU A 121 -39.57 9.41 6.22
N CYS A 122 -38.50 8.86 6.77
CA CYS A 122 -37.57 9.61 7.62
C CYS A 122 -36.97 10.84 6.91
N GLY A 123 -37.18 12.01 7.50
CA GLY A 123 -36.74 13.26 6.89
C GLY A 123 -35.23 13.39 6.86
N ILE A 124 -34.55 12.79 7.85
CA ILE A 124 -33.10 12.78 7.89
C ILE A 124 -32.52 11.88 6.79
N LEU A 125 -32.98 10.64 6.72
CA LEU A 125 -32.55 9.70 5.68
C LEU A 125 -32.88 10.23 4.27
N ASN A 126 -34.05 10.82 4.12
CA ASN A 126 -34.47 11.35 2.81
C ASN A 126 -33.67 12.59 2.40
N SER A 127 -33.25 13.43 3.36
CA SER A 127 -32.41 14.59 3.02
C SER A 127 -30.97 14.19 2.69
N LEU A 128 -30.52 13.05 3.20
CA LEU A 128 -29.19 12.51 2.85
C LEU A 128 -29.18 11.72 1.53
N ALA A 129 -30.36 11.33 1.05
CA ALA A 129 -30.49 10.67 -0.25
C ALA A 129 -30.61 11.70 -1.39
N MET B 1 -24.81 -0.21 -16.73
CA MET B 1 -23.77 -0.89 -15.88
C MET B 1 -22.43 -0.19 -16.09
N MET B 2 -21.66 -0.11 -15.02
CA MET B 2 -20.41 0.67 -14.97
C MET B 2 -19.29 -0.12 -14.33
N ARG B 3 -18.07 0.10 -14.81
CA ARG B 3 -16.89 -0.33 -14.06
C ARG B 3 -16.61 0.69 -12.96
N ILE B 4 -15.77 0.27 -12.02
CA ILE B 4 -15.47 1.08 -10.84
C ILE B 4 -14.95 2.49 -11.17
N GLY B 5 -14.10 2.59 -12.20
CA GLY B 5 -13.58 3.89 -12.68
C GLY B 5 -14.68 4.88 -13.07
N GLU B 6 -15.68 4.38 -13.77
CA GLU B 6 -16.80 5.22 -14.19
C GLU B 6 -17.69 5.58 -13.00
N LEU B 7 -17.90 4.62 -12.11
CA LEU B 7 -18.63 4.85 -10.86
C LEU B 7 -17.98 5.98 -10.05
N GLY B 8 -16.67 5.89 -9.90
CA GLY B 8 -15.88 6.92 -9.23
C GLY B 8 -15.99 8.31 -9.84
N LYS B 9 -15.88 8.37 -11.16
CA LYS B 9 -16.13 9.59 -11.94
C LYS B 9 -17.50 10.20 -11.66
N LYS B 10 -18.53 9.37 -11.72
CA LYS B 10 -19.91 9.81 -11.48
C LYS B 10 -20.18 10.25 -10.03
N ALA B 11 -19.53 9.60 -9.08
CA ALA B 11 -19.68 9.96 -7.67
C ALA B 11 -18.71 11.06 -7.21
N ASP B 12 -17.83 11.50 -8.12
CA ASP B 12 -16.79 12.47 -7.82
C ASP B 12 -15.88 12.02 -6.65
N CYS B 13 -15.43 10.76 -6.73
CA CYS B 13 -14.49 10.22 -5.75
C CYS B 13 -13.53 9.23 -6.41
N LEU B 14 -12.43 8.99 -5.71
CA LEU B 14 -11.39 8.10 -6.22
C LEU B 14 -11.84 6.65 -6.20
N VAL B 15 -11.30 5.86 -7.13
CA VAL B 15 -11.46 4.41 -7.13
C VAL B 15 -11.04 3.82 -5.77
N GLN B 16 -9.90 4.24 -5.26
CA GLN B 16 -9.41 3.75 -3.95
C GLN B 16 -10.40 4.05 -2.80
N THR B 17 -11.12 5.17 -2.91
CA THR B 17 -12.15 5.52 -1.94
C THR B 17 -13.35 4.57 -2.02
N VAL B 18 -13.79 4.26 -3.25
CA VAL B 18 -14.83 3.26 -3.44
C VAL B 18 -14.41 1.91 -2.82
N ARG B 19 -13.17 1.48 -3.11
CA ARG B 19 -12.66 0.21 -2.57
C ARG B 19 -12.54 0.22 -1.05
N PHE B 20 -12.19 1.37 -0.50
CA PHE B 20 -12.19 1.54 0.98
C PHE B 20 -13.60 1.29 1.57
N TYR B 21 -14.60 1.94 0.98
CA TYR B 21 -15.99 1.76 1.40
C TYR B 21 -16.47 0.31 1.24
N GLU B 22 -16.04 -0.35 0.16
CA GLU B 22 -16.31 -1.79 -0.02
C GLU B 22 -15.69 -2.62 1.10
N SER B 23 -14.42 -2.40 1.38
CA SER B 23 -13.72 -3.15 2.45
C SER B 23 -14.37 -2.93 3.83
N GLU B 24 -15.00 -1.76 4.02
CA GLU B 24 -15.71 -1.43 5.27
C GLU B 24 -17.20 -1.84 5.31
N GLY B 25 -17.67 -2.55 4.28
CA GLY B 25 -19.03 -3.07 4.27
C GLY B 25 -20.12 -2.03 4.04
N LEU B 26 -19.74 -0.89 3.44
CA LEU B 26 -20.70 0.20 3.18
C LEU B 26 -21.38 0.12 1.83
N LEU B 27 -20.97 -0.77 0.96
CA LEU B 27 -21.58 -0.86 -0.36
C LEU B 27 -22.21 -2.22 -0.63
N PRO B 28 -23.37 -2.28 -1.26
CA PRO B 28 -23.95 -3.58 -1.59
C PRO B 28 -23.10 -4.29 -2.63
N GLU B 29 -23.34 -5.59 -2.79
CA GLU B 29 -22.58 -6.42 -3.73
C GLU B 29 -22.66 -5.84 -5.14
N PRO B 30 -21.62 -6.04 -5.97
CA PRO B 30 -21.67 -5.56 -7.36
C PRO B 30 -22.85 -6.13 -8.15
N ALA B 31 -23.37 -5.36 -9.10
CA ALA B 31 -24.53 -5.75 -9.91
C ALA B 31 -24.30 -7.04 -10.70
N ARG B 32 -23.08 -7.21 -11.20
CA ARG B 32 -22.61 -8.47 -11.80
C ARG B 32 -21.16 -8.68 -11.36
N PHE B 37 -15.15 -10.28 -12.83
CA PHE B 37 -15.43 -9.00 -13.49
C PHE B 37 -16.58 -8.19 -12.83
N ARG B 38 -16.25 -7.35 -11.87
CA ARG B 38 -17.23 -6.60 -11.12
C ARG B 38 -17.87 -5.43 -11.86
N LEU B 39 -19.19 -5.33 -11.85
CA LEU B 39 -19.94 -4.22 -12.44
C LEU B 39 -20.88 -3.59 -11.43
N TYR B 40 -21.07 -2.28 -11.59
CA TYR B 40 -21.89 -1.47 -10.67
C TYR B 40 -22.97 -0.76 -11.46
N ASP B 41 -23.97 -0.26 -10.75
CA ASP B 41 -25.11 0.44 -11.36
C ASP B 41 -25.57 1.64 -10.50
N GLU B 42 -26.75 2.18 -10.83
CA GLU B 42 -27.31 3.37 -10.20
C GLU B 42 -27.44 3.29 -8.67
N VAL B 43 -27.74 2.09 -8.17
CA VAL B 43 -27.88 1.86 -6.71
C VAL B 43 -26.57 2.18 -5.98
N HIS B 44 -25.45 1.76 -6.57
CA HIS B 44 -24.12 2.01 -5.99
C HIS B 44 -23.75 3.48 -6.01
N LEU B 45 -24.07 4.15 -7.10
CA LEU B 45 -23.88 5.60 -7.21
C LEU B 45 -24.64 6.35 -6.12
N GLN B 46 -25.93 6.04 -5.97
CA GLN B 46 -26.76 6.70 -4.95
C GLN B 46 -26.26 6.42 -3.53
N ARG B 47 -25.69 5.24 -3.33
CA ARG B 47 -25.11 4.87 -2.06
C ARG B 47 -23.88 5.73 -1.77
N LEU B 48 -23.02 5.88 -2.74
CA LEU B 48 -21.82 6.71 -2.59
C LEU B 48 -22.14 8.16 -2.31
N LEU B 49 -23.18 8.67 -2.96
CA LEU B 49 -23.64 10.03 -2.70
C LEU B 49 -24.17 10.17 -1.27
N PHE B 50 -24.91 9.18 -0.79
CA PHE B 50 -25.41 9.14 0.58
C PHE B 50 -24.25 9.17 1.57
N ILE B 51 -23.26 8.33 1.34
CA ILE B 51 -22.05 8.28 2.16
C ILE B 51 -21.31 9.63 2.17
N ARG B 52 -21.16 10.25 1.01
CA ARG B 52 -20.52 11.53 0.86
C ARG B 52 -21.21 12.58 1.71
N ARG B 53 -22.52 12.64 1.66
CA ARG B 53 -23.27 13.64 2.44
C ARG B 53 -23.14 13.43 3.95
N CYS B 54 -23.15 12.15 4.36
CA CYS B 54 -22.95 11.81 5.76
C CYS B 54 -21.57 12.23 6.26
N ARG B 55 -20.54 11.95 5.47
CA ARG B 55 -19.17 12.26 5.90
C ARG B 55 -18.94 13.76 5.98
N ALA B 56 -19.60 14.51 5.09
CA ALA B 56 -19.57 15.98 5.14
C ALA B 56 -20.29 16.57 6.35
N LYS B 57 -21.16 15.79 6.99
CA LYS B 57 -21.78 16.17 8.27
C LYS B 57 -21.06 15.52 9.48
N ASP B 58 -19.79 15.20 9.31
CA ASP B 58 -18.89 14.74 10.38
C ASP B 58 -19.18 13.33 10.87
N MET B 59 -19.97 12.57 10.13
CA MET B 59 -20.30 11.23 10.62
C MET B 59 -19.15 10.24 10.43
N THR B 60 -18.95 9.41 11.43
CA THR B 60 -17.95 8.36 11.34
C THR B 60 -18.49 7.19 10.52
N LEU B 61 -17.60 6.30 10.14
CA LEU B 61 -17.98 5.07 9.42
C LEU B 61 -18.98 4.20 10.21
N ASP B 62 -18.84 4.18 11.54
CA ASP B 62 -19.78 3.43 12.42
C ASP B 62 -21.20 4.01 12.40
N GLU B 63 -21.30 5.34 12.47
CA GLU B 63 -22.61 6.03 12.34
C GLU B 63 -23.23 5.80 10.97
N ILE B 64 -22.41 5.83 9.94
CA ILE B 64 -22.89 5.66 8.57
C ILE B 64 -23.41 4.24 8.34
N ARG B 65 -22.72 3.28 8.92
CA ARG B 65 -23.07 1.88 8.88
C ARG B 65 -24.48 1.75 9.52
N GLN B 66 -24.67 2.37 10.66
CA GLN B 66 -25.96 2.39 11.38
C GLN B 66 -27.08 3.01 10.53
N LEU B 67 -26.79 4.16 9.92
CA LEU B 67 -27.78 4.83 9.06
C LEU B 67 -28.14 4.00 7.84
N LEU B 68 -27.13 3.41 7.19
CA LEU B 68 -27.35 2.53 6.03
C LEU B 68 -28.23 1.32 6.39
N ASN B 69 -27.97 0.71 7.54
CA ASN B 69 -28.77 -0.45 8.00
C ASN B 69 -30.25 -0.08 8.22
N LEU B 70 -30.49 1.10 8.78
CA LEU B 70 -31.85 1.63 8.91
C LEU B 70 -32.49 2.02 7.55
N ARG B 71 -31.70 2.64 6.67
CA ARG B 71 -32.15 2.93 5.27
C ARG B 71 -32.58 1.64 4.52
N ASP B 72 -31.84 0.56 4.73
CA ASP B 72 -32.12 -0.73 4.08
C ASP B 72 -33.34 -1.45 4.67
N ARG B 73 -33.91 -0.94 5.77
CA ARG B 73 -35.10 -1.48 6.44
C ARG B 73 -36.22 -0.39 6.54
N PRO B 74 -36.88 -0.07 5.40
CA PRO B 74 -37.89 1.00 5.37
C PRO B 74 -39.12 0.80 6.27
N GLU B 75 -39.41 -0.45 6.66
CA GLU B 75 -40.52 -0.79 7.55
C GLU B 75 -40.30 -0.43 9.02
N LEU B 76 -39.06 -0.17 9.43
CA LEU B 76 -38.74 0.14 10.85
C LEU B 76 -39.07 1.57 11.21
N GLY B 77 -39.34 1.78 12.50
CA GLY B 77 -39.37 3.12 13.06
C GLY B 77 -38.00 3.78 12.86
N CYS B 78 -38.01 5.10 12.62
CA CYS B 78 -36.76 5.87 12.40
C CYS B 78 -36.29 6.67 13.63
N GLY B 79 -36.89 6.41 14.79
CA GLY B 79 -36.49 7.04 16.07
C GLY B 79 -34.99 6.98 16.38
N GLU B 80 -34.35 5.85 16.07
CA GLU B 80 -32.89 5.70 16.31
C GLU B 80 -32.02 6.61 15.42
N VAL B 81 -32.55 7.05 14.28
CA VAL B 81 -31.89 8.05 13.44
C VAL B 81 -31.82 9.41 14.12
N ASN B 82 -32.96 9.84 14.68
CA ASN B 82 -33.03 11.07 15.50
C ASN B 82 -32.05 11.03 16.68
N ALA B 83 -32.02 9.89 17.37
CA ALA B 83 -31.11 9.70 18.53
C ALA B 83 -29.63 9.78 18.14
N LEU B 84 -29.30 9.25 16.97
CA LEU B 84 -27.93 9.30 16.46
C LEU B 84 -27.47 10.74 16.17
N VAL B 85 -28.34 11.50 15.53
CA VAL B 85 -28.05 12.91 15.26
C VAL B 85 -28.01 13.73 16.57
N ASP B 86 -28.95 13.48 17.48
CA ASP B 86 -28.94 14.17 18.79
C ASP B 86 -27.65 13.91 19.57
N ALA B 87 -27.19 12.65 19.55
CA ALA B 87 -25.94 12.29 20.26
C ALA B 87 -24.72 12.96 19.62
N HIS B 88 -24.74 13.09 18.28
CA HIS B 88 -23.68 13.79 17.58
C HIS B 88 -23.64 15.28 17.91
N ILE B 89 -24.80 15.91 17.93
CA ILE B 89 -24.93 17.32 18.36
C ILE B 89 -24.35 17.51 19.78
N ALA B 90 -24.74 16.64 20.70
CA ALA B 90 -24.23 16.69 22.10
C ALA B 90 -22.71 16.60 22.15
N GLN B 91 -22.17 15.66 21.38
CA GLN B 91 -20.71 15.50 21.22
C GLN B 91 -19.98 16.76 20.74
N VAL B 92 -20.54 17.39 19.71
CA VAL B 92 -19.96 18.61 19.15
C VAL B 92 -19.99 19.75 20.15
N ARG B 93 -21.08 19.85 20.90
CA ARG B 93 -21.22 20.90 21.92
C ARG B 93 -20.18 20.77 23.03
N THR B 94 -19.91 19.55 23.45
CA THR B 94 -18.89 19.31 24.48
C THR B 94 -17.49 19.65 23.95
N LYS B 95 -17.23 19.27 22.71
CA LYS B 95 -15.95 19.56 22.06
C LYS B 95 -15.71 21.07 21.96
N MET B 96 -16.75 21.84 21.63
CA MET B 96 -16.65 23.30 21.55
C MET B 96 -16.27 23.94 22.89
N LYS B 97 -16.86 23.43 23.97
CA LYS B 97 -16.49 23.88 25.33
C LYS B 97 -15.03 23.62 25.65
N GLU B 98 -14.59 22.39 25.36
CA GLU B 98 -13.19 21.98 25.57
C GLU B 98 -12.22 22.80 24.73
N LEU B 99 -12.54 23.03 23.47
CA LEU B 99 -11.71 23.89 22.60
C LEU B 99 -11.60 25.34 23.04
N ARG B 100 -12.71 25.93 23.51
CA ARG B 100 -12.65 27.29 24.01
C ARG B 100 -11.74 27.39 25.24
N ALA B 101 -11.87 26.41 26.14
CA ALA B 101 -10.99 26.36 27.32
C ALA B 101 -9.53 26.21 26.88
N LEU B 102 -9.28 25.41 25.84
CA LEU B 102 -7.92 25.25 25.31
C LEU B 102 -7.39 26.58 24.75
N GLU B 103 -8.23 27.27 23.98
CA GLU B 103 -7.87 28.59 23.46
C GLU B 103 -7.44 29.55 24.57
N ARG B 104 -8.24 29.63 25.63
CA ARG B 104 -7.94 30.52 26.76
C ARG B 104 -6.64 30.11 27.48
N GLU B 105 -6.42 28.81 27.59
CA GLU B 105 -5.17 28.25 28.15
C GLU B 105 -3.93 28.65 27.33
N LEU B 106 -4.04 28.51 26.02
CA LEU B 106 -2.95 28.86 25.11
C LEU B 106 -2.68 30.37 25.07
N MET B 107 -3.73 31.18 25.17
CA MET B 107 -3.58 32.63 25.28
C MET B 107 -2.79 33.03 26.53
N ASP B 108 -3.09 32.36 27.64
CA ASP B 108 -2.35 32.60 28.89
C ASP B 108 -0.86 32.20 28.72
N LEU B 109 -0.62 31.06 28.08
CA LEU B 109 0.73 30.60 27.79
C LEU B 109 1.49 31.65 26.97
N ARG B 110 0.87 32.13 25.89
CA ARG B 110 1.48 33.13 25.02
C ARG B 110 1.86 34.42 25.76
N ARG B 111 0.98 34.85 26.67
CA ARG B 111 1.20 36.07 27.49
C ARG B 111 2.42 35.99 28.40
N SER B 112 2.91 34.77 28.67
CA SER B 112 4.06 34.54 29.55
C SER B 112 5.41 34.96 28.89
N CYS B 113 5.45 35.22 27.58
CA CYS B 113 6.69 35.68 26.93
C CYS B 113 6.38 36.94 26.11
N ASP B 114 7.13 38.01 26.29
CA ASP B 114 6.89 39.26 25.54
C ASP B 114 8.08 40.23 25.46
N ALA B 116 12.08 39.33 22.10
CA ALA B 116 13.50 39.59 22.31
C ALA B 116 13.99 38.93 23.60
N ARG B 117 13.89 37.60 23.60
CA ARG B 117 14.49 36.77 24.64
C ARG B 117 15.20 35.60 24.02
N THR B 118 16.00 34.94 24.85
CA THR B 118 16.64 33.70 24.51
C THR B 118 15.81 32.55 25.06
N SER B 119 16.08 31.37 24.53
CA SER B 119 15.46 30.11 24.96
C SER B 119 15.60 29.89 26.46
N ARG B 120 16.79 30.18 26.99
CA ARG B 120 17.04 30.12 28.45
C ARG B 120 16.02 30.93 29.27
N GLU B 121 15.66 32.11 28.78
CA GLU B 121 14.75 33.05 29.49
C GLU B 121 13.30 32.97 29.02
N CYS B 122 13.02 32.12 28.03
CA CYS B 122 11.68 32.03 27.45
C CYS B 122 10.60 31.69 28.49
N GLY B 123 9.60 32.59 28.62
CA GLY B 123 8.53 32.42 29.61
C GLY B 123 7.64 31.21 29.31
N ILE B 124 7.48 30.88 28.03
CA ILE B 124 6.71 29.72 27.62
C ILE B 124 7.44 28.42 28.00
N LEU B 125 8.70 28.31 27.58
CA LEU B 125 9.51 27.11 27.90
C LEU B 125 9.67 26.95 29.39
N ASN B 126 9.86 28.06 30.09
CA ASN B 126 10.02 28.01 31.55
C ASN B 126 8.74 27.62 32.28
N SER B 127 7.59 28.03 31.78
CA SER B 127 6.31 27.63 32.40
C SER B 127 5.97 26.14 32.13
N LEU B 128 6.50 25.59 31.04
CA LEU B 128 6.34 24.16 30.73
C LEU B 128 7.34 23.26 31.46
N ALA B 129 8.41 23.86 31.99
CA ALA B 129 9.39 23.13 32.81
C ALA B 129 8.96 23.09 34.28
N MET C 1 30.13 -0.67 13.63
CA MET C 1 30.04 -0.04 12.28
C MET C 1 30.89 -0.83 11.30
N MET C 2 30.42 -0.92 10.06
CA MET C 2 31.00 -1.79 9.02
C MET C 2 31.13 -1.04 7.71
N ARG C 3 32.17 -1.38 6.95
CA ARG C 3 32.23 -1.01 5.55
C ARG C 3 31.41 -2.00 4.74
N ILE C 4 31.10 -1.62 3.52
CA ILE C 4 30.20 -2.39 2.65
C ILE C 4 30.67 -3.85 2.46
N GLY C 5 31.98 -4.05 2.33
CA GLY C 5 32.58 -5.39 2.20
C GLY C 5 32.25 -6.32 3.36
N GLU C 6 32.32 -5.77 4.57
CA GLU C 6 32.01 -6.54 5.77
C GLU C 6 30.50 -6.80 5.87
N LEU C 7 29.70 -5.79 5.51
CA LEU C 7 28.24 -5.93 5.45
C LEU C 7 27.85 -7.06 4.51
N GLY C 8 28.43 -7.06 3.33
CA GLY C 8 28.23 -8.13 2.34
C GLY C 8 28.58 -9.52 2.82
N LYS C 9 29.74 -9.64 3.46
CA LYS C 9 30.14 -10.91 4.09
C LYS C 9 29.14 -11.37 5.13
N LYS C 10 28.71 -10.47 6.01
CA LYS C 10 27.74 -10.80 7.05
C LYS C 10 26.34 -11.16 6.52
N ALA C 11 25.94 -10.53 5.43
CA ALA C 11 24.65 -10.84 4.78
C ALA C 11 24.73 -12.00 3.77
N ASP C 12 25.93 -12.52 3.54
CA ASP C 12 26.19 -13.56 2.53
C ASP C 12 25.74 -13.12 1.12
N CYS C 13 26.12 -11.90 0.75
CA CYS C 13 25.86 -11.39 -0.58
C CYS C 13 27.00 -10.49 -1.07
N LEU C 14 27.04 -10.29 -2.39
CA LEU C 14 28.10 -9.49 -3.01
C LEU C 14 27.92 -8.01 -2.71
N VAL C 15 29.05 -7.30 -2.69
CA VAL C 15 29.07 -5.84 -2.60
C VAL C 15 28.21 -5.23 -3.72
N GLN C 16 28.39 -5.71 -4.94
CA GLN C 16 27.58 -5.23 -6.09
C GLN C 16 26.05 -5.43 -5.87
N THR C 17 25.68 -6.49 -5.15
CA THR C 17 24.29 -6.74 -4.83
C THR C 17 23.77 -5.71 -3.82
N VAL C 18 24.57 -5.41 -2.78
CA VAL C 18 24.23 -4.36 -1.84
C VAL C 18 24.03 -3.02 -2.59
N ARG C 19 24.96 -2.69 -3.48
CA ARG C 19 24.88 -1.44 -4.26
C ARG C 19 23.68 -1.41 -5.19
N PHE C 20 23.32 -2.56 -5.73
CA PHE C 20 22.09 -2.68 -6.54
C PHE C 20 20.85 -2.32 -5.71
N TYR C 21 20.75 -2.89 -4.52
CA TYR C 21 19.64 -2.61 -3.61
C TYR C 21 19.61 -1.14 -3.18
N GLU C 22 20.78 -0.55 -2.97
CA GLU C 22 20.89 0.90 -2.70
C GLU C 22 20.34 1.73 -3.85
N SER C 23 20.79 1.43 -5.07
CA SER C 23 20.33 2.15 -6.26
C SER C 23 18.82 2.02 -6.47
N GLU C 24 18.24 0.92 -6.00
CA GLU C 24 16.79 0.68 -6.09
C GLU C 24 15.96 1.21 -4.90
N GLY C 25 16.60 1.91 -3.98
CA GLY C 25 15.91 2.51 -2.84
C GLY C 25 15.44 1.54 -1.76
N LEU C 26 16.06 0.37 -1.70
CA LEU C 26 15.68 -0.65 -0.72
C LEU C 26 16.46 -0.58 0.61
N LEU C 27 17.50 0.23 0.67
CA LEU C 27 18.28 0.36 1.90
C LEU C 27 18.19 1.76 2.51
N PRO C 28 18.13 1.85 3.86
CA PRO C 28 18.18 3.18 4.46
C PRO C 28 19.57 3.80 4.31
N GLU C 29 19.66 5.10 4.54
CA GLU C 29 20.92 5.83 4.40
C GLU C 29 22.01 5.23 5.27
N PRO C 30 23.29 5.33 4.85
CA PRO C 30 24.39 4.80 5.67
C PRO C 30 24.44 5.41 7.06
N ALA C 31 24.88 4.63 8.04
CA ALA C 31 24.96 5.07 9.44
C ALA C 31 25.83 6.32 9.63
N ARG C 32 26.92 6.39 8.88
CA ARG C 32 27.75 7.59 8.75
C ARG C 32 28.24 7.70 7.32
N SER C 33 28.36 8.94 6.82
CA SER C 33 28.88 9.18 5.47
C SER C 33 29.56 10.58 5.36
N GLU C 34 30.29 10.94 6.42
CA GLU C 34 31.11 12.15 6.48
C GLU C 34 32.43 11.75 5.85
N GLY C 35 33.15 12.73 5.29
CA GLY C 35 34.45 12.46 4.68
C GLY C 35 34.42 11.60 3.44
N ASN C 36 33.30 11.58 2.69
CA ASN C 36 33.17 10.74 1.50
C ASN C 36 33.29 9.27 1.90
N PHE C 37 32.98 8.91 3.16
CA PHE C 37 33.19 7.56 3.73
C PHE C 37 31.93 6.87 4.33
N ARG C 38 31.35 5.95 3.59
CA ARG C 38 30.05 5.33 3.95
C ARG C 38 30.21 4.16 4.94
N LEU C 39 29.48 4.23 6.05
CA LEU C 39 29.47 3.15 7.06
C LEU C 39 28.07 2.61 7.29
N TYR C 40 28.00 1.32 7.60
CA TYR C 40 26.74 0.61 7.81
C TYR C 40 26.76 -0.07 9.18
N ASP C 41 25.59 -0.46 9.65
CA ASP C 41 25.44 -1.10 10.96
C ASP C 41 24.38 -2.22 10.93
N GLU C 42 23.98 -2.68 12.11
CA GLU C 42 23.06 -3.83 12.28
C GLU C 42 21.72 -3.67 11.54
N VAL C 43 21.22 -2.44 11.47
CA VAL C 43 19.95 -2.14 10.79
C VAL C 43 20.02 -2.52 9.30
N HIS C 44 21.15 -2.22 8.67
CA HIS C 44 21.38 -2.54 7.25
C HIS C 44 21.48 -4.03 7.02
N LEU C 45 22.17 -4.72 7.92
CA LEU C 45 22.28 -6.18 7.87
C LEU C 45 20.90 -6.84 7.94
N GLN C 46 20.11 -6.45 8.92
CA GLN C 46 18.77 -7.00 9.08
C GLN C 46 17.87 -6.71 7.87
N ARG C 47 18.07 -5.54 7.27
CA ARG C 47 17.35 -5.15 6.06
C ARG C 47 17.70 -6.09 4.88
N LEU C 48 18.99 -6.35 4.70
CA LEU C 48 19.48 -7.27 3.67
C LEU C 48 18.95 -8.69 3.84
N LEU C 49 18.89 -9.14 5.08
CA LEU C 49 18.33 -10.46 5.37
C LEU C 49 16.84 -10.51 5.03
N PHE C 50 16.11 -9.45 5.35
CA PHE C 50 14.68 -9.33 5.00
C PHE C 50 14.48 -9.41 3.49
N ILE C 51 15.27 -8.64 2.76
CA ILE C 51 15.26 -8.65 1.29
C ILE C 51 15.56 -10.05 0.72
N ARG C 52 16.58 -10.71 1.25
CA ARG C 52 16.94 -12.04 0.85
C ARG C 52 15.77 -13.03 1.02
N ARG C 53 15.12 -13.00 2.16
CA ARG C 53 13.99 -13.91 2.40
C ARG C 53 12.81 -13.64 1.45
N CYS C 54 12.55 -12.36 1.16
CA CYS C 54 11.51 -11.99 0.22
C CYS C 54 11.82 -12.48 -1.20
N ARG C 55 13.06 -12.30 -1.64
CA ARG C 55 13.45 -12.71 -2.99
C ARG C 55 13.40 -14.22 -3.15
N ALA C 56 13.73 -14.95 -2.09
CA ALA C 56 13.60 -16.42 -2.07
C ALA C 56 12.14 -16.91 -2.10
N LYS C 57 11.18 -16.05 -1.75
CA LYS C 57 9.75 -16.33 -1.94
C LYS C 57 9.18 -15.69 -3.21
N ASP C 58 10.04 -15.47 -4.21
CA ASP C 58 9.66 -15.06 -5.57
C ASP C 58 9.18 -13.61 -5.65
N MET C 59 9.43 -12.81 -4.63
CA MET C 59 8.94 -11.42 -4.65
C MET C 59 9.80 -10.53 -5.54
N THR C 60 9.13 -9.70 -6.32
CA THR C 60 9.83 -8.73 -7.15
C THR C 60 10.30 -7.55 -6.29
N LEU C 61 11.16 -6.74 -6.87
CA LEU C 61 11.62 -5.52 -6.22
C LEU C 61 10.48 -4.56 -5.85
N ASP C 62 9.45 -4.50 -6.68
CA ASP C 62 8.26 -3.66 -6.40
C ASP C 62 7.46 -4.13 -5.19
N GLU C 63 7.25 -5.44 -5.09
CA GLU C 63 6.61 -6.04 -3.91
C GLU C 63 7.42 -5.81 -2.64
N ILE C 64 8.73 -5.94 -2.76
CA ILE C 64 9.63 -5.78 -1.61
C ILE C 64 9.65 -4.34 -1.12
N ARG C 65 9.65 -3.40 -2.04
CA ARG C 65 9.56 -1.98 -1.75
C ARG C 65 8.27 -1.68 -0.97
N GLN C 66 7.18 -2.27 -1.42
CA GLN C 66 5.91 -2.12 -0.71
C GLN C 66 5.93 -2.74 0.70
N LEU C 67 6.50 -3.94 0.82
CA LEU C 67 6.61 -4.60 2.15
C LEU C 67 7.51 -3.80 3.11
N LEU C 68 8.63 -3.30 2.59
CA LEU C 68 9.54 -2.45 3.38
C LEU C 68 8.85 -1.17 3.87
N ASN C 69 8.08 -0.52 3.01
CA ASN C 69 7.35 0.69 3.38
CA ASN C 69 7.33 0.67 3.43
C ASN C 69 6.36 0.42 4.54
N LEU C 70 5.66 -0.71 4.47
CA LEU C 70 4.76 -1.14 5.55
C LEU C 70 5.51 -1.55 6.82
N ARG C 71 6.64 -2.23 6.68
CA ARG C 71 7.51 -2.54 7.82
C ARG C 71 8.00 -1.26 8.54
N ASP C 72 8.34 -0.24 7.77
CA ASP C 72 8.82 1.04 8.32
C ASP C 72 7.70 1.86 9.00
N ARG C 73 6.43 1.44 8.87
CA ARG C 73 5.26 2.09 9.47
C ARG C 73 4.50 1.07 10.37
N PRO C 74 5.05 0.74 11.55
CA PRO C 74 4.44 -0.24 12.47
C PRO C 74 3.02 0.09 12.96
N GLU C 75 2.63 1.36 12.93
CA GLU C 75 1.30 1.82 13.38
C GLU C 75 0.17 1.51 12.40
N LEU C 76 0.50 1.18 11.14
CA LEU C 76 -0.52 0.92 10.12
C LEU C 76 -1.12 -0.47 10.26
N GLY C 77 -2.36 -0.62 9.78
CA GLY C 77 -2.93 -1.93 9.55
C GLY C 77 -2.06 -2.69 8.55
N CYS C 78 -1.97 -4.01 8.74
CA CYS C 78 -1.17 -4.88 7.84
C CYS C 78 -2.00 -5.68 6.82
N GLY C 79 -3.28 -5.32 6.65
CA GLY C 79 -4.16 -5.91 5.63
C GLY C 79 -3.60 -5.96 4.22
N GLU C 80 -2.91 -4.88 3.81
CA GLU C 80 -2.30 -4.81 2.47
C GLU C 80 -1.16 -5.82 2.27
N VAL C 81 -0.53 -6.26 3.36
CA VAL C 81 0.47 -7.35 3.29
C VAL C 81 -0.19 -8.68 2.90
N ASN C 82 -1.31 -9.00 3.56
CA ASN C 82 -2.11 -10.20 3.24
C ASN C 82 -2.54 -10.19 1.77
N ALA C 83 -3.02 -9.03 1.32
CA ALA C 83 -3.48 -8.84 -0.09
C ALA C 83 -2.34 -9.05 -1.11
N LEU C 84 -1.15 -8.59 -0.76
CA LEU C 84 0.03 -8.77 -1.61
C LEU C 84 0.40 -10.24 -1.77
N VAL C 85 0.42 -10.97 -0.66
CA VAL C 85 0.69 -12.40 -0.71
C VAL C 85 -0.44 -13.16 -1.44
N ASP C 86 -1.70 -12.81 -1.17
CA ASP C 86 -2.83 -13.44 -1.87
C ASP C 86 -2.76 -13.25 -3.38
N ALA C 87 -2.41 -12.04 -3.80
CA ALA C 87 -2.28 -11.74 -5.25
C ALA C 87 -1.12 -12.52 -5.88
N HIS C 88 -0.05 -12.71 -5.11
CA HIS C 88 1.08 -13.51 -5.60
C HIS C 88 0.71 -14.97 -5.76
N ILE C 89 -0.01 -15.51 -4.77
CA ILE C 89 -0.52 -16.88 -4.85
C ILE C 89 -1.40 -17.07 -6.11
N ALA C 90 -2.33 -16.14 -6.32
CA ALA C 90 -3.22 -16.18 -7.52
C ALA C 90 -2.42 -16.18 -8.82
N GLN C 91 -1.41 -15.33 -8.87
CA GLN C 91 -0.46 -15.28 -10.01
C GLN C 91 0.24 -16.61 -10.29
N VAL C 92 0.77 -17.22 -9.24
CA VAL C 92 1.46 -18.50 -9.36
C VAL C 92 0.51 -19.61 -9.85
N ARG C 93 -0.73 -19.60 -9.35
CA ARG C 93 -1.72 -20.60 -9.74
C ARG C 93 -2.07 -20.50 -11.24
N THR C 94 -2.19 -19.28 -11.74
CA THR C 94 -2.48 -19.08 -13.17
C THR C 94 -1.28 -19.52 -14.02
N LYS C 95 -0.08 -19.22 -13.57
CA LYS C 95 1.14 -19.63 -14.27
C LYS C 95 1.24 -21.16 -14.35
N MET C 96 0.88 -21.86 -13.27
CA MET C 96 0.90 -23.33 -13.27
C MET C 96 -0.04 -23.94 -14.31
N LYS C 97 -1.23 -23.35 -14.44
CA LYS C 97 -2.19 -23.78 -15.46
C LYS C 97 -1.63 -23.60 -16.86
N GLU C 98 -1.06 -22.42 -17.12
CA GLU C 98 -0.45 -22.11 -18.40
C GLU C 98 0.73 -23.03 -18.73
N LEU C 99 1.59 -23.31 -17.74
CA LEU C 99 2.71 -24.23 -17.94
C LEU C 99 2.30 -25.67 -18.22
N ARG C 100 1.27 -26.16 -17.53
CA ARG C 100 0.78 -27.49 -17.79
C ARG C 100 0.24 -27.59 -19.22
N ALA C 101 -0.50 -26.57 -19.65
CA ALA C 101 -1.00 -26.55 -21.05
C ALA C 101 0.17 -26.52 -22.03
N LEU C 102 1.22 -25.78 -21.71
CA LEU C 102 2.42 -25.73 -22.54
C LEU C 102 3.08 -27.11 -22.63
N GLU C 103 3.21 -27.78 -21.48
CA GLU C 103 3.77 -29.14 -21.43
C GLU C 103 3.01 -30.08 -22.38
N ARG C 104 1.68 -30.08 -22.29
CA ARG C 104 0.87 -30.93 -23.15
C ARG C 104 1.11 -30.58 -24.63
N GLU C 105 1.13 -29.29 -24.92
CA GLU C 105 1.34 -28.79 -26.30
C GLU C 105 2.68 -29.29 -26.87
N LEU C 106 3.73 -29.20 -26.05
CA LEU C 106 5.06 -29.68 -26.44
C LEU C 106 5.12 -31.19 -26.61
N MET C 107 4.41 -31.93 -25.75
CA MET C 107 4.31 -33.38 -25.88
C MET C 107 3.66 -33.77 -27.22
N ASP C 108 2.63 -33.05 -27.59
CA ASP C 108 1.98 -33.26 -28.90
C ASP C 108 2.96 -32.99 -30.06
N LEU C 109 3.70 -31.88 -29.95
CA LEU C 109 4.73 -31.53 -30.94
C LEU C 109 5.74 -32.67 -31.08
N ARG C 110 6.25 -33.15 -29.95
CA ARG C 110 7.24 -34.24 -29.93
C ARG C 110 6.74 -35.52 -30.60
N ARG C 111 5.48 -35.86 -30.35
CA ARG C 111 4.83 -37.04 -30.96
C ARG C 111 4.74 -36.99 -32.50
N SER C 112 4.88 -35.80 -33.09
CA SER C 112 4.79 -35.62 -34.54
C SER C 112 6.05 -36.15 -35.29
N CYS C 113 7.14 -36.45 -34.60
CA CYS C 113 8.33 -37.02 -35.25
C CYS C 113 8.77 -38.29 -34.49
N ASP C 114 8.97 -39.41 -35.17
CA ASP C 114 9.32 -40.71 -34.55
C ASP C 114 10.81 -41.18 -34.83
N ALA C 116 15.10 -41.26 -36.95
CA ALA C 116 15.68 -41.57 -38.25
C ALA C 116 14.91 -40.90 -39.38
N ARG C 117 14.94 -39.57 -39.33
CA ARG C 117 14.46 -38.75 -40.43
C ARG C 117 15.45 -37.63 -40.72
N THR C 118 15.25 -37.01 -41.87
CA THR C 118 15.97 -35.83 -42.26
C THR C 118 15.14 -34.59 -41.91
N SER C 119 15.82 -33.46 -41.89
CA SER C 119 15.20 -32.15 -41.65
C SER C 119 14.05 -31.88 -42.61
N ARG C 120 14.23 -32.24 -43.88
CA ARG C 120 13.17 -32.14 -44.89
C ARG C 120 11.87 -32.84 -44.49
N GLU C 121 12.00 -34.02 -43.87
CA GLU C 121 10.85 -34.85 -43.46
C GLU C 121 10.43 -34.69 -41.99
N CYS C 122 11.16 -33.86 -41.24
CA CYS C 122 10.92 -33.71 -39.82
C CYS C 122 9.47 -33.27 -39.50
N GLY C 123 8.76 -34.08 -38.71
CA GLY C 123 7.36 -33.79 -38.37
C GLY C 123 7.21 -32.53 -37.53
N ILE C 124 8.20 -32.25 -36.69
CA ILE C 124 8.20 -31.05 -35.85
C ILE C 124 8.39 -29.80 -36.71
N LEU C 125 9.44 -29.78 -37.51
CA LEU C 125 9.71 -28.64 -38.42
C LEU C 125 8.57 -28.43 -39.40
N ASN C 126 8.01 -29.51 -39.91
CA ASN C 126 6.89 -29.41 -40.86
C ASN C 126 5.61 -28.91 -40.21
N SER C 127 5.36 -29.26 -38.95
CA SER C 127 4.17 -28.74 -38.24
C SER C 127 4.31 -27.26 -37.88
N LEU C 128 5.54 -26.78 -37.73
CA LEU C 128 5.81 -25.36 -37.46
C LEU C 128 5.82 -24.51 -38.73
N ALA C 129 5.93 -25.15 -39.88
CA ALA C 129 5.85 -24.46 -41.19
C ALA C 129 4.39 -24.34 -41.66
N MET D 1 6.63 -8.42 -54.37
CA MET D 1 7.64 -7.77 -53.48
C MET D 1 6.94 -6.77 -52.57
N MET D 2 7.43 -6.66 -51.35
CA MET D 2 6.80 -5.86 -50.28
C MET D 2 7.82 -5.01 -49.55
N ARG D 3 7.40 -3.82 -49.11
CA ARG D 3 8.16 -3.07 -48.11
C ARG D 3 7.87 -3.67 -46.73
N ILE D 4 8.72 -3.31 -45.78
CA ILE D 4 8.65 -3.87 -44.42
C ILE D 4 7.28 -3.68 -43.75
N GLY D 5 6.66 -2.51 -43.97
CA GLY D 5 5.31 -2.23 -43.46
C GLY D 5 4.26 -3.22 -43.92
N GLU D 6 4.31 -3.57 -45.19
CA GLU D 6 3.36 -4.54 -45.78
C GLU D 6 3.66 -5.94 -45.28
N LEU D 7 4.95 -6.28 -45.19
CA LEU D 7 5.38 -7.56 -44.61
C LEU D 7 4.83 -7.72 -43.20
N GLY D 8 5.01 -6.69 -42.38
CA GLY D 8 4.48 -6.66 -41.00
C GLY D 8 2.97 -6.88 -40.92
N LYS D 9 2.24 -6.16 -41.77
CA LYS D 9 0.79 -6.32 -41.93
C LYS D 9 0.40 -7.77 -42.22
N LYS D 10 1.06 -8.34 -43.22
CA LYS D 10 0.80 -9.74 -43.63
C LYS D 10 1.19 -10.80 -42.59
N ALA D 11 2.24 -10.53 -41.82
CA ALA D 11 2.66 -11.44 -40.74
C ALA D 11 1.95 -11.17 -39.40
N ASP D 12 1.13 -10.12 -39.35
CA ASP D 12 0.45 -9.69 -38.12
C ASP D 12 1.46 -9.38 -36.99
N CYS D 13 2.48 -8.61 -37.34
CA CYS D 13 3.45 -8.13 -36.36
C CYS D 13 3.95 -6.72 -36.70
N LEU D 14 4.54 -6.07 -35.71
CA LEU D 14 5.06 -4.73 -35.86
C LEU D 14 6.31 -4.70 -36.73
N VAL D 15 6.51 -3.58 -37.41
CA VAL D 15 7.75 -3.29 -38.13
C VAL D 15 8.96 -3.43 -37.17
N GLN D 16 8.88 -2.82 -36.00
CA GLN D 16 9.97 -2.94 -35.01
C GLN D 16 10.29 -4.40 -34.62
N THR D 17 9.28 -5.26 -34.65
CA THR D 17 9.47 -6.69 -34.37
C THR D 17 10.22 -7.37 -35.51
N VAL D 18 9.87 -7.05 -36.74
CA VAL D 18 10.62 -7.53 -37.91
C VAL D 18 12.08 -7.10 -37.80
N ARG D 19 12.32 -5.83 -37.48
CA ARG D 19 13.68 -5.30 -37.36
C ARG D 19 14.46 -5.95 -36.21
N PHE D 20 13.76 -6.27 -35.13
CA PHE D 20 14.37 -7.02 -34.01
C PHE D 20 14.88 -8.40 -34.49
N TYR D 21 14.03 -9.12 -35.22
CA TYR D 21 14.39 -10.41 -35.76
C TYR D 21 15.54 -10.32 -36.76
N GLU D 22 15.56 -9.26 -37.56
CA GLU D 22 16.69 -8.98 -38.46
C GLU D 22 17.98 -8.79 -37.68
N SER D 23 17.95 -7.95 -36.66
CA SER D 23 19.13 -7.67 -35.84
C SER D 23 19.65 -8.94 -35.13
N GLU D 24 18.75 -9.87 -34.85
CA GLU D 24 19.10 -11.16 -34.23
C GLU D 24 19.48 -12.29 -35.20
N GLY D 25 19.56 -11.98 -36.51
CA GLY D 25 19.97 -12.96 -37.51
C GLY D 25 18.94 -14.02 -37.85
N LEU D 26 17.67 -13.76 -37.58
CA LEU D 26 16.60 -14.75 -37.81
C LEU D 26 15.96 -14.63 -39.18
N LEU D 27 16.30 -13.61 -39.94
CA LEU D 27 15.74 -13.39 -41.28
C LEU D 27 16.74 -13.37 -42.45
N PRO D 28 16.41 -14.03 -43.53
CA PRO D 28 17.35 -13.98 -44.63
C PRO D 28 17.43 -12.57 -45.19
N GLU D 29 18.46 -12.31 -46.00
CA GLU D 29 18.68 -10.99 -46.58
C GLU D 29 17.45 -10.56 -47.40
N PRO D 30 17.21 -9.24 -47.51
CA PRO D 30 16.07 -8.75 -48.31
C PRO D 30 16.14 -9.18 -49.77
N ALA D 31 14.99 -9.39 -50.40
CA ALA D 31 14.90 -9.85 -51.79
C ALA D 31 15.59 -8.91 -52.78
N ARG D 32 15.48 -7.61 -52.53
CA ARG D 32 16.25 -6.57 -53.22
C ARG D 32 16.64 -5.50 -52.21
N SER D 33 17.83 -4.92 -52.37
CA SER D 33 18.27 -3.85 -51.47
C SER D 33 19.24 -2.85 -52.04
N GLU D 34 18.96 -1.56 -51.83
CA GLU D 34 19.88 -0.48 -52.18
C GLU D 34 19.76 0.64 -51.15
N GLY D 35 20.65 0.67 -50.15
CA GLY D 35 20.61 1.71 -49.11
C GLY D 35 19.36 1.56 -48.22
N ASN D 36 18.56 2.61 -48.16
CA ASN D 36 17.27 2.59 -47.43
C ASN D 36 16.11 1.87 -48.12
N PHE D 37 16.37 1.39 -49.33
CA PHE D 37 15.42 0.65 -50.14
C PHE D 37 15.68 -0.85 -50.05
N ARG D 38 14.87 -1.54 -49.22
CA ARG D 38 14.94 -2.97 -48.91
C ARG D 38 13.58 -3.51 -49.28
N LEU D 39 13.54 -4.62 -50.00
CA LEU D 39 12.28 -5.28 -50.36
C LEU D 39 12.28 -6.72 -49.87
N TYR D 40 11.09 -7.18 -49.51
CA TYR D 40 10.86 -8.53 -48.98
C TYR D 40 9.82 -9.27 -49.83
N ASP D 41 9.76 -10.58 -49.69
CA ASP D 41 8.85 -11.42 -50.46
C ASP D 41 8.28 -12.57 -49.60
N GLU D 42 7.65 -13.54 -50.27
CA GLU D 42 6.93 -14.64 -49.62
C GLU D 42 7.80 -15.47 -48.65
N VAL D 43 9.09 -15.62 -48.99
CA VAL D 43 10.03 -16.36 -48.14
C VAL D 43 10.16 -15.72 -46.74
N HIS D 44 10.23 -14.40 -46.70
CA HIS D 44 10.32 -13.65 -45.45
C HIS D 44 9.04 -13.78 -44.63
N LEU D 45 7.89 -13.73 -45.29
CA LEU D 45 6.61 -13.89 -44.63
C LEU D 45 6.51 -15.26 -43.97
N GLN D 46 6.84 -16.31 -44.72
CA GLN D 46 6.79 -17.68 -44.18
C GLN D 46 7.78 -17.88 -43.02
N ARG D 47 8.90 -17.20 -43.11
CA ARG D 47 9.89 -17.19 -42.03
C ARG D 47 9.32 -16.57 -40.74
N LEU D 48 8.68 -15.41 -40.87
CA LEU D 48 8.05 -14.72 -39.74
C LEU D 48 6.94 -15.57 -39.09
N LEU D 49 6.16 -16.25 -39.90
CA LEU D 49 5.11 -17.14 -39.39
C LEU D 49 5.71 -18.31 -38.64
N PHE D 50 6.81 -18.87 -39.14
CA PHE D 50 7.55 -19.94 -38.45
C PHE D 50 8.03 -19.45 -37.08
N ILE D 51 8.65 -18.28 -37.07
CA ILE D 51 9.13 -17.67 -35.81
C ILE D 51 7.98 -17.45 -34.82
N ARG D 52 6.86 -16.96 -35.32
CA ARG D 52 5.67 -16.72 -34.53
C ARG D 52 5.22 -18.02 -33.83
N ARG D 53 5.09 -19.08 -34.60
CA ARG D 53 4.64 -20.36 -34.03
C ARG D 53 5.61 -20.93 -32.97
N CYS D 54 6.91 -20.77 -33.21
CA CYS D 54 7.93 -21.18 -32.23
C CYS D 54 7.85 -20.39 -30.93
N ARG D 55 7.70 -19.08 -31.04
CA ARG D 55 7.63 -18.23 -29.84
C ARG D 55 6.38 -18.51 -29.03
N ALA D 56 5.29 -18.85 -29.72
CA ALA D 56 4.04 -19.26 -29.04
C ALA D 56 4.15 -20.61 -28.33
N LYS D 57 5.14 -21.42 -28.68
CA LYS D 57 5.47 -22.64 -27.95
C LYS D 57 6.64 -22.44 -26.96
N ASP D 58 6.84 -21.20 -26.51
CA ASP D 58 7.79 -20.86 -25.44
C ASP D 58 9.25 -20.96 -25.85
N MET D 59 9.53 -21.05 -27.15
CA MET D 59 10.92 -21.17 -27.59
C MET D 59 11.67 -19.83 -27.50
N THR D 60 12.91 -19.92 -27.04
CA THR D 60 13.79 -18.75 -26.99
C THR D 60 14.37 -18.48 -28.37
N LEU D 61 14.96 -17.29 -28.51
CA LEU D 61 15.64 -16.92 -29.76
C LEU D 61 16.77 -17.89 -30.14
N ASP D 62 17.47 -18.43 -29.13
CA ASP D 62 18.54 -19.40 -29.36
C ASP D 62 18.01 -20.73 -29.93
N GLU D 63 16.91 -21.23 -29.36
CA GLU D 63 16.25 -22.42 -29.87
C GLU D 63 15.72 -22.21 -31.29
N ILE D 64 15.17 -21.04 -31.55
CA ILE D 64 14.63 -20.71 -32.87
C ILE D 64 15.72 -20.63 -33.94
N ARG D 65 16.83 -20.05 -33.57
CA ARG D 65 17.98 -19.93 -34.42
C ARG D 65 18.42 -21.34 -34.80
N GLN D 66 18.52 -22.24 -33.85
CA GLN D 66 18.88 -23.61 -34.13
C GLN D 66 17.88 -24.31 -35.06
N LEU D 67 16.59 -24.13 -34.82
CA LEU D 67 15.56 -24.76 -35.65
C LEU D 67 15.61 -24.21 -37.09
N LEU D 68 15.81 -22.90 -37.22
CA LEU D 68 15.94 -22.25 -38.55
C LEU D 68 17.14 -22.76 -39.33
N ASN D 69 18.26 -22.93 -38.64
CA ASN D 69 19.46 -23.49 -39.28
C ASN D 69 19.20 -24.91 -39.83
N LEU D 70 18.47 -25.72 -39.07
CA LEU D 70 18.09 -27.07 -39.50
C LEU D 70 17.09 -27.03 -40.65
N ARG D 71 16.11 -26.13 -40.57
CA ARG D 71 15.12 -25.94 -41.64
C ARG D 71 15.79 -25.52 -42.97
N ASP D 72 16.81 -24.67 -42.88
CA ASP D 72 17.59 -24.24 -44.06
C ASP D 72 18.46 -25.33 -44.70
N ARG D 73 18.62 -26.45 -44.00
CA ARG D 73 19.50 -27.56 -44.45
C ARG D 73 18.71 -28.85 -44.41
N PRO D 74 17.82 -29.04 -45.39
CA PRO D 74 16.93 -30.20 -45.41
C PRO D 74 17.62 -31.57 -45.44
N GLU D 75 18.88 -31.62 -45.90
CA GLU D 75 19.65 -32.89 -45.96
C GLU D 75 20.20 -33.35 -44.59
N LEU D 76 20.20 -32.49 -43.57
CA LEU D 76 20.72 -32.85 -42.22
C LEU D 76 19.72 -33.68 -41.39
N GLY D 77 20.26 -34.51 -40.49
CA GLY D 77 19.44 -35.33 -39.64
C GLY D 77 18.63 -34.44 -38.74
N CYS D 78 17.41 -34.85 -38.41
CA CYS D 78 16.54 -34.05 -37.55
C CYS D 78 16.45 -34.52 -36.08
N GLY D 79 17.28 -35.48 -35.69
CA GLY D 79 17.34 -35.99 -34.32
C GLY D 79 17.52 -34.91 -33.27
N GLU D 80 18.33 -33.90 -33.57
CA GLU D 80 18.53 -32.79 -32.64
C GLU D 80 17.30 -31.91 -32.44
N VAL D 81 16.36 -31.92 -33.37
CA VAL D 81 15.08 -31.24 -33.21
C VAL D 81 14.27 -31.92 -32.08
N ASN D 82 14.21 -33.25 -32.12
CA ASN D 82 13.55 -34.06 -31.07
C ASN D 82 14.18 -33.79 -29.70
N ALA D 83 15.51 -33.75 -29.66
CA ALA D 83 16.25 -33.48 -28.42
C ALA D 83 15.99 -32.08 -27.87
N LEU D 84 15.83 -31.10 -28.75
CA LEU D 84 15.52 -29.74 -28.35
C LEU D 84 14.15 -29.67 -27.67
N VAL D 85 13.17 -30.31 -28.28
CA VAL D 85 11.81 -30.31 -27.72
C VAL D 85 11.75 -31.12 -26.43
N ASP D 86 12.43 -32.27 -26.39
CA ASP D 86 12.53 -33.08 -25.16
C ASP D 86 13.15 -32.30 -24.01
N ALA D 87 14.21 -31.56 -24.29
CA ALA D 87 14.88 -30.76 -23.25
C ALA D 87 13.96 -29.65 -22.76
N HIS D 88 13.17 -29.08 -23.66
CA HIS D 88 12.24 -28.03 -23.27
C HIS D 88 11.12 -28.58 -22.37
N ILE D 89 10.60 -29.74 -22.74
CA ILE D 89 9.60 -30.44 -21.92
C ILE D 89 10.15 -30.70 -20.51
N ALA D 90 11.38 -31.21 -20.42
CA ALA D 90 12.03 -31.48 -19.12
C ALA D 90 12.14 -30.20 -18.28
N GLN D 91 12.53 -29.11 -18.92
CA GLN D 91 12.60 -27.78 -18.29
C GLN D 91 11.27 -27.31 -17.70
N VAL D 92 10.21 -27.45 -18.48
CA VAL D 92 8.88 -27.06 -18.05
C VAL D 92 8.39 -27.91 -16.86
N ARG D 93 8.69 -29.20 -16.89
CA ARG D 93 8.30 -30.12 -15.81
C ARG D 93 8.98 -29.75 -14.47
N THR D 94 10.26 -29.39 -14.55
CA THR D 94 10.99 -28.97 -13.35
C THR D 94 10.44 -27.65 -12.81
N LYS D 95 10.13 -26.72 -13.70
CA LYS D 95 9.54 -25.44 -13.32
C LYS D 95 8.18 -25.63 -12.62
N MET D 96 7.38 -26.55 -13.11
CA MET D 96 6.06 -26.84 -12.48
C MET D 96 6.22 -27.37 -11.02
N LYS D 97 7.20 -28.23 -10.81
CA LYS D 97 7.50 -28.72 -9.46
C LYS D 97 7.91 -27.60 -8.52
N GLU D 98 8.81 -26.74 -9.01
CA GLU D 98 9.28 -25.58 -8.26
C GLU D 98 8.14 -24.61 -7.95
N LEU D 99 7.27 -24.35 -8.93
CA LEU D 99 6.11 -23.46 -8.70
C LEU D 99 5.11 -23.99 -7.69
N ARG D 100 4.86 -25.30 -7.70
CA ARG D 100 3.94 -25.89 -6.73
C ARG D 100 4.54 -25.76 -5.32
N ALA D 101 5.83 -26.00 -5.18
CA ALA D 101 6.49 -25.83 -3.90
C ALA D 101 6.42 -24.36 -3.45
N LEU D 102 6.58 -23.44 -4.40
CA LEU D 102 6.45 -22.00 -4.09
C LEU D 102 5.04 -21.67 -3.61
N GLU D 103 4.04 -22.19 -4.31
CA GLU D 103 2.64 -21.98 -3.91
C GLU D 103 2.43 -22.41 -2.46
N ARG D 104 2.90 -23.61 -2.12
CA ARG D 104 2.71 -24.15 -0.77
C ARG D 104 3.44 -23.29 0.26
N GLU D 105 4.62 -22.79 -0.11
CA GLU D 105 5.41 -21.89 0.73
C GLU D 105 4.67 -20.57 1.01
N LEU D 106 4.09 -20.00 -0.04
CA LEU D 106 3.32 -18.77 0.07
C LEU D 106 2.03 -18.95 0.86
N MET D 107 1.38 -20.09 0.69
CA MET D 107 0.18 -20.42 1.50
C MET D 107 0.53 -20.47 3.00
N ASP D 108 1.67 -21.06 3.32
CA ASP D 108 2.15 -21.12 4.72
C ASP D 108 2.42 -19.70 5.25
N LEU D 109 3.07 -18.87 4.43
CA LEU D 109 3.32 -17.48 4.76
C LEU D 109 2.00 -16.76 5.06
N ARG D 110 1.02 -16.90 4.17
CA ARG D 110 -0.28 -16.25 4.34
C ARG D 110 -0.99 -16.67 5.63
N ARG D 111 -0.90 -17.95 5.98
CA ARG D 111 -1.51 -18.51 7.21
C ARG D 111 -0.94 -17.91 8.49
N SER D 112 0.25 -17.31 8.40
CA SER D 112 0.95 -16.75 9.56
C SER D 112 0.28 -15.46 10.05
N CYS D 113 -0.64 -14.86 9.27
CA CYS D 113 -1.33 -13.64 9.72
C CYS D 113 -2.82 -13.68 9.45
N ASP D 114 -3.54 -12.86 10.21
CA ASP D 114 -5.03 -12.78 10.16
C ASP D 114 -5.47 -11.38 9.66
N SER D 115 -6.78 -11.12 9.66
CA SER D 115 -7.34 -9.87 9.13
C SER D 115 -7.23 -8.63 10.05
N ALA D 116 -7.06 -8.77 11.37
CA ALA D 116 -7.10 -7.59 12.24
C ALA D 116 -5.82 -7.37 13.07
N ARG D 117 -4.73 -6.94 12.41
CA ARG D 117 -3.46 -6.61 13.09
C ARG D 117 -2.78 -5.37 12.51
N THR D 118 -1.78 -4.93 13.24
CA THR D 118 -0.92 -3.83 12.80
C THR D 118 0.33 -4.41 12.17
N SER D 119 1.03 -3.57 11.43
CA SER D 119 2.33 -3.91 10.85
C SER D 119 3.33 -4.43 11.89
N ARG D 120 3.35 -3.80 13.06
CA ARG D 120 4.22 -4.25 14.18
C ARG D 120 4.00 -5.72 14.54
N GLU D 121 2.75 -6.15 14.53
CA GLU D 121 2.35 -7.52 14.91
C GLU D 121 2.19 -8.48 13.72
N CYS D 122 2.37 -7.98 12.49
CA CYS D 122 2.10 -8.76 11.29
C CYS D 122 2.93 -10.05 11.21
N GLY D 123 2.24 -11.19 11.14
CA GLY D 123 2.89 -12.49 11.15
C GLY D 123 3.75 -12.73 9.91
N ILE D 124 3.34 -12.13 8.79
CA ILE D 124 4.09 -12.23 7.55
C ILE D 124 5.39 -11.42 7.64
N LEU D 125 5.28 -10.15 8.01
CA LEU D 125 6.47 -9.29 8.19
C LEU D 125 7.41 -9.84 9.26
N ASN D 126 6.84 -10.34 10.35
CA ASN D 126 7.67 -10.90 11.44
C ASN D 126 8.37 -12.21 11.04
N SER D 127 7.74 -13.03 10.20
CA SER D 127 8.39 -14.26 9.74
C SER D 127 9.50 -13.98 8.70
N LEU D 128 9.40 -12.86 8.00
CA LEU D 128 10.46 -12.43 7.06
C LEU D 128 11.61 -11.69 7.75
N ALA D 129 11.40 -11.25 8.98
CA ALA D 129 12.45 -10.62 9.79
C ALA D 129 13.26 -11.66 10.56
N MET E 1 -20.41 -22.74 -40.35
CA MET E 1 -20.27 -23.44 -39.03
C MET E 1 -19.15 -24.46 -39.14
N MET E 2 -18.40 -24.63 -38.05
CA MET E 2 -17.19 -25.45 -38.01
C MET E 2 -17.15 -26.35 -36.78
N ARG E 3 -16.57 -27.53 -36.94
CA ARG E 3 -16.23 -28.35 -35.80
C ARG E 3 -14.91 -27.84 -35.24
N ILE E 4 -14.60 -28.26 -34.03
CA ILE E 4 -13.44 -27.76 -33.30
C ILE E 4 -12.12 -27.96 -34.08
N GLY E 5 -11.99 -29.10 -34.76
CA GLY E 5 -10.81 -29.37 -35.61
C GLY E 5 -10.58 -28.32 -36.69
N GLU E 6 -11.66 -27.91 -37.35
CA GLU E 6 -11.65 -26.92 -38.45
C GLU E 6 -11.36 -25.52 -37.86
N LEU E 7 -11.95 -25.23 -36.69
CA LEU E 7 -11.67 -23.99 -35.95
C LEU E 7 -10.18 -23.88 -35.59
N GLY E 8 -9.62 -24.96 -35.04
CA GLY E 8 -8.19 -25.03 -34.72
C GLY E 8 -7.28 -24.80 -35.91
N LYS E 9 -7.59 -25.46 -37.02
CA LYS E 9 -6.90 -25.25 -38.30
C LYS E 9 -6.90 -23.78 -38.71
N LYS E 10 -8.07 -23.17 -38.70
CA LYS E 10 -8.23 -21.75 -39.09
C LYS E 10 -7.55 -20.76 -38.14
N ALA E 11 -7.52 -21.09 -36.85
CA ALA E 11 -6.83 -20.24 -35.86
C ALA E 11 -5.33 -20.56 -35.70
N ASP E 12 -4.86 -21.59 -36.40
CA ASP E 12 -3.48 -22.06 -36.31
C ASP E 12 -3.11 -22.45 -34.86
N CYS E 13 -3.99 -23.23 -34.24
CA CYS E 13 -3.74 -23.78 -32.91
C CYS E 13 -4.34 -25.16 -32.74
N LEU E 14 -3.87 -25.87 -31.73
CA LEU E 14 -4.32 -27.23 -31.45
C LEU E 14 -5.74 -27.25 -30.90
N VAL E 15 -6.44 -28.35 -31.17
CA VAL E 15 -7.75 -28.63 -30.55
C VAL E 15 -7.64 -28.57 -29.02
N GLN E 16 -6.62 -29.23 -28.46
CA GLN E 16 -6.41 -29.18 -27.01
C GLN E 16 -6.24 -27.74 -26.46
N THR E 17 -5.67 -26.85 -27.28
CA THR E 17 -5.51 -25.45 -26.90
C THR E 17 -6.85 -24.74 -26.86
N VAL E 18 -7.69 -24.99 -27.87
CA VAL E 18 -9.06 -24.47 -27.88
C VAL E 18 -9.80 -24.94 -26.62
N ARG E 19 -9.70 -26.23 -26.31
CA ARG E 19 -10.36 -26.80 -25.12
C ARG E 19 -9.82 -26.23 -23.80
N PHE E 20 -8.53 -25.94 -23.77
CA PHE E 20 -7.92 -25.25 -22.61
C PHE E 20 -8.57 -23.88 -22.39
N TYR E 21 -8.67 -23.10 -23.46
CA TYR E 21 -9.29 -21.79 -23.41
C TYR E 21 -10.76 -21.87 -23.00
N GLU E 22 -11.46 -22.88 -23.49
CA GLU E 22 -12.85 -23.14 -23.06
C GLU E 22 -12.94 -23.41 -21.56
N SER E 23 -12.09 -24.31 -21.06
CA SER E 23 -12.06 -24.64 -19.63
C SER E 23 -11.74 -23.42 -18.76
N GLU E 24 -10.99 -22.46 -19.31
CA GLU E 24 -10.63 -21.23 -18.60
C GLU E 24 -11.62 -20.06 -18.76
N GLY E 25 -12.75 -20.31 -19.44
CA GLY E 25 -13.77 -19.29 -19.62
C GLY E 25 -13.44 -18.18 -20.61
N LEU E 26 -12.51 -18.43 -21.53
CA LEU E 26 -12.11 -17.41 -22.51
C LEU E 26 -12.88 -17.46 -23.82
N LEU E 27 -13.71 -18.49 -24.03
CA LEU E 27 -14.51 -18.60 -25.26
C LEU E 27 -16.01 -18.54 -25.00
N PRO E 28 -16.77 -17.86 -25.89
CA PRO E 28 -18.21 -17.87 -25.73
C PRO E 28 -18.77 -19.26 -26.04
N GLU E 29 -20.02 -19.50 -25.66
CA GLU E 29 -20.67 -20.78 -25.88
C GLU E 29 -20.67 -21.15 -27.37
N PRO E 30 -20.65 -22.46 -27.70
CA PRO E 30 -20.69 -22.88 -29.11
C PRO E 30 -21.95 -22.43 -29.86
N ARG E 38 -19.92 -29.45 -30.03
CA ARG E 38 -20.95 -28.75 -30.79
C ARG E 38 -20.39 -28.11 -32.04
N LEU E 39 -20.84 -26.89 -32.34
CA LEU E 39 -20.36 -26.15 -33.53
C LEU E 39 -19.92 -24.73 -33.22
N TYR E 40 -18.94 -24.26 -33.99
CA TYR E 40 -18.34 -22.94 -33.81
C TYR E 40 -18.45 -22.15 -35.12
N ASP E 41 -18.27 -20.84 -35.01
CA ASP E 41 -18.37 -19.94 -36.16
C ASP E 41 -17.30 -18.83 -36.11
N GLU E 42 -17.47 -17.82 -36.97
CA GLU E 42 -16.51 -16.72 -37.15
C GLU E 42 -16.18 -15.97 -35.84
N VAL E 43 -17.16 -15.83 -34.95
CA VAL E 43 -16.97 -15.14 -33.66
C VAL E 43 -15.89 -15.85 -32.82
N HIS E 44 -15.93 -17.18 -32.82
CA HIS E 44 -14.97 -17.99 -32.05
C HIS E 44 -13.57 -17.87 -32.64
N LEU E 45 -13.49 -17.86 -33.98
CA LEU E 45 -12.21 -17.69 -34.66
C LEU E 45 -11.58 -16.35 -34.30
N GLN E 46 -12.36 -15.27 -34.39
CA GLN E 46 -11.85 -13.92 -34.07
C GLN E 46 -11.44 -13.80 -32.60
N ARG E 47 -12.15 -14.51 -31.74
CA ARG E 47 -11.81 -14.60 -30.33
C ARG E 47 -10.43 -15.26 -30.12
N LEU E 48 -10.21 -16.40 -30.79
CA LEU E 48 -8.94 -17.11 -30.71
C LEU E 48 -7.77 -16.28 -31.21
N LEU E 49 -8.00 -15.52 -32.28
CA LEU E 49 -6.97 -14.65 -32.82
C LEU E 49 -6.64 -13.53 -31.85
N PHE E 50 -7.66 -12.98 -31.20
CA PHE E 50 -7.48 -11.97 -30.15
C PHE E 50 -6.62 -12.52 -29.01
N ILE E 51 -6.99 -13.71 -28.55
CA ILE E 51 -6.22 -14.40 -27.48
C ILE E 51 -4.76 -14.62 -27.89
N ARG E 52 -4.56 -15.04 -29.13
CA ARG E 52 -3.26 -15.28 -29.67
C ARG E 52 -2.40 -14.06 -29.59
N ARG E 53 -2.93 -12.95 -30.05
CA ARG E 53 -2.16 -11.68 -30.07
C ARG E 53 -1.82 -11.20 -28.65
N CYS E 54 -2.73 -11.39 -27.71
CA CYS E 54 -2.48 -11.04 -26.31
C CYS E 54 -1.38 -11.88 -25.68
N ARG E 55 -1.43 -13.19 -25.92
CA ARG E 55 -0.42 -14.08 -25.36
C ARG E 55 0.95 -13.81 -25.94
N ALA E 56 1.01 -13.43 -27.22
CA ALA E 56 2.28 -13.01 -27.86
C ALA E 56 2.85 -11.70 -27.30
N LYS E 57 2.03 -10.90 -26.65
CA LYS E 57 2.47 -9.71 -25.90
C LYS E 57 2.63 -9.99 -24.40
N ASP E 58 2.85 -11.27 -24.04
CA ASP E 58 3.22 -11.68 -22.67
C ASP E 58 2.05 -11.59 -21.68
N MET E 59 0.83 -11.45 -22.16
CA MET E 59 -0.30 -11.34 -21.26
C MET E 59 -0.70 -12.68 -20.65
N THR E 60 -0.99 -12.66 -19.36
CA THR E 60 -1.47 -13.85 -18.65
C THR E 60 -2.94 -14.07 -18.94
N LEU E 61 -3.42 -15.26 -18.61
CA LEU E 61 -4.85 -15.59 -18.75
C LEU E 61 -5.76 -14.64 -17.97
N ASP E 62 -5.30 -14.17 -16.82
CA ASP E 62 -6.07 -13.19 -16.00
C ASP E 62 -6.21 -11.83 -16.69
N GLU E 63 -5.12 -11.35 -17.26
CA GLU E 63 -5.14 -10.11 -18.04
C GLU E 63 -6.04 -10.24 -19.28
N ILE E 64 -5.97 -11.39 -19.93
CA ILE E 64 -6.76 -11.64 -21.16
C ILE E 64 -8.26 -11.71 -20.85
N ARG E 65 -8.58 -12.34 -19.74
CA ARG E 65 -9.94 -12.44 -19.26
C ARG E 65 -10.48 -11.03 -19.02
N GLN E 66 -9.72 -10.18 -18.38
CA GLN E 66 -10.12 -8.80 -18.18
C GLN E 66 -10.32 -8.05 -19.50
N LEU E 67 -9.40 -8.20 -20.44
CA LEU E 67 -9.50 -7.50 -21.73
C LEU E 67 -10.72 -7.98 -22.52
N LEU E 68 -10.98 -9.29 -22.50
CA LEU E 68 -12.17 -9.88 -23.15
C LEU E 68 -13.48 -9.38 -22.57
N ASN E 69 -13.53 -9.28 -21.24
CA ASN E 69 -14.71 -8.71 -20.58
C ASN E 69 -14.99 -7.26 -21.04
N LEU E 70 -13.93 -6.46 -21.19
CA LEU E 70 -14.05 -5.08 -21.67
C LEU E 70 -14.44 -5.04 -23.15
N ARG E 71 -13.92 -5.95 -23.96
CA ARG E 71 -14.24 -6.05 -25.38
C ARG E 71 -15.70 -6.41 -25.56
N ASP E 72 -16.19 -7.30 -24.73
CA ASP E 72 -17.61 -7.69 -24.78
C ASP E 72 -18.60 -6.60 -24.35
N ARG E 73 -18.10 -5.51 -23.78
CA ARG E 73 -18.93 -4.42 -23.24
C ARG E 73 -18.42 -3.12 -23.81
N PRO E 74 -18.74 -2.86 -25.09
CA PRO E 74 -18.24 -1.67 -25.78
C PRO E 74 -18.62 -0.33 -25.13
N GLU E 75 -19.67 -0.31 -24.32
CA GLU E 75 -20.11 0.92 -23.64
C GLU E 75 -19.27 1.36 -22.44
N LEU E 76 -18.45 0.45 -21.90
CA LEU E 76 -17.62 0.72 -20.72
C LEU E 76 -16.39 1.54 -21.05
N GLY E 77 -15.91 2.33 -20.08
CA GLY E 77 -14.73 3.13 -20.25
C GLY E 77 -13.55 2.22 -20.46
N CYS E 78 -12.59 2.66 -21.28
CA CYS E 78 -11.41 1.84 -21.56
C CYS E 78 -10.13 2.25 -20.79
N GLY E 79 -10.26 3.17 -19.84
CA GLY E 79 -9.12 3.61 -19.00
C GLY E 79 -8.38 2.48 -18.31
N GLU E 80 -9.10 1.46 -17.85
CA GLU E 80 -8.46 0.32 -17.23
C GLU E 80 -7.62 -0.53 -18.18
N VAL E 81 -7.89 -0.45 -19.48
CA VAL E 81 -7.05 -1.12 -20.48
C VAL E 81 -5.65 -0.47 -20.50
N ASN E 82 -5.61 0.86 -20.52
CA ASN E 82 -4.35 1.63 -20.45
C ASN E 82 -3.57 1.29 -19.18
N ALA E 83 -4.28 1.21 -18.05
CA ALA E 83 -3.67 0.88 -16.75
C ALA E 83 -3.09 -0.54 -16.73
N LEU E 84 -3.76 -1.47 -17.40
CA LEU E 84 -3.30 -2.86 -17.49
C LEU E 84 -1.97 -2.92 -18.25
N VAL E 85 -1.90 -2.22 -19.38
CA VAL E 85 -0.69 -2.21 -20.20
C VAL E 85 0.43 -1.46 -19.50
N ASP E 86 0.11 -0.33 -18.86
CA ASP E 86 1.10 0.42 -18.06
C ASP E 86 1.71 -0.44 -16.94
N ALA E 87 0.87 -1.19 -16.24
CA ALA E 87 1.35 -2.04 -15.15
C ALA E 87 2.25 -3.16 -15.70
N HIS E 88 1.92 -3.66 -16.90
CA HIS E 88 2.73 -4.71 -17.51
C HIS E 88 4.09 -4.18 -17.91
N ILE E 89 4.11 -2.98 -18.48
CA ILE E 89 5.37 -2.30 -18.83
C ILE E 89 6.25 -2.10 -17.58
N ALA E 90 5.66 -1.62 -16.50
CA ALA E 90 6.37 -1.44 -15.23
C ALA E 90 6.99 -2.76 -14.73
N GLN E 91 6.20 -3.83 -14.80
CA GLN E 91 6.66 -5.18 -14.46
C GLN E 91 7.88 -5.65 -15.26
N VAL E 92 7.82 -5.45 -16.57
CA VAL E 92 8.90 -5.83 -17.47
C VAL E 92 10.18 -5.03 -17.18
N ARG E 93 10.03 -3.74 -16.89
CA ARG E 93 11.16 -2.87 -16.57
C ARG E 93 11.89 -3.31 -15.28
N THR E 94 11.13 -3.71 -14.28
CA THR E 94 11.70 -4.19 -13.02
C THR E 94 12.43 -5.52 -13.25
N LYS E 95 11.82 -6.41 -14.05
CA LYS E 95 12.43 -7.69 -14.38
C LYS E 95 13.77 -7.50 -15.11
N MET E 96 13.83 -6.53 -16.02
CA MET E 96 15.09 -6.23 -16.73
C MET E 96 16.23 -5.79 -15.78
N LYS E 97 15.89 -4.98 -14.78
CA LYS E 97 16.86 -4.53 -13.79
C LYS E 97 17.38 -5.70 -12.97
N GLU E 98 16.46 -6.56 -12.53
CA GLU E 98 16.80 -7.76 -11.78
C GLU E 98 17.68 -8.71 -12.60
N LEU E 99 17.34 -8.91 -13.87
CA LEU E 99 18.14 -9.78 -14.75
C LEU E 99 19.54 -9.27 -15.01
N ARG E 100 19.70 -7.95 -15.17
CA ARG E 100 21.03 -7.39 -15.38
C ARG E 100 21.89 -7.60 -14.11
N ALA E 101 21.28 -7.38 -12.95
CA ALA E 101 22.00 -7.63 -11.68
C ALA E 101 22.36 -9.11 -11.57
N LEU E 102 21.47 -10.01 -12.00
CA LEU E 102 21.75 -11.44 -12.01
C LEU E 102 22.92 -11.76 -12.93
N GLU E 103 22.91 -11.18 -14.12
CA GLU E 103 24.01 -11.36 -15.08
C GLU E 103 25.35 -10.99 -14.44
N ARG E 104 25.41 -9.83 -13.81
CA ARG E 104 26.64 -9.34 -13.19
C ARG E 104 27.08 -10.26 -12.04
N GLU E 105 26.11 -10.78 -11.30
CA GLU E 105 26.34 -11.73 -10.20
C GLU E 105 26.96 -13.04 -10.73
N LEU E 106 26.40 -13.55 -11.82
CA LEU E 106 26.88 -14.76 -12.45
C LEU E 106 28.26 -14.58 -13.08
N MET E 107 28.51 -13.41 -13.66
CA MET E 107 29.85 -13.09 -14.19
C MET E 107 30.91 -13.10 -13.08
N ASP E 108 30.56 -12.55 -11.93
CA ASP E 108 31.45 -12.57 -10.76
C ASP E 108 31.70 -14.03 -10.30
N LEU E 109 30.65 -14.84 -10.26
CA LEU E 109 30.75 -16.24 -9.93
C LEU E 109 31.72 -16.95 -10.89
N ARG E 110 31.53 -16.75 -12.19
CA ARG E 110 32.38 -17.37 -13.21
C ARG E 110 33.87 -16.99 -13.08
N ARG E 111 34.14 -15.72 -12.75
CA ARG E 111 35.50 -15.20 -12.55
C ARG E 111 36.24 -15.87 -11.37
N SER E 112 35.49 -16.51 -10.48
CA SER E 112 36.06 -17.14 -9.28
C SER E 112 36.82 -18.43 -9.62
N CYS E 113 36.67 -18.96 -10.84
CA CYS E 113 37.39 -20.18 -11.22
C CYS E 113 37.99 -20.11 -12.61
N ASP E 114 39.02 -20.93 -12.82
CA ASP E 114 39.81 -20.96 -14.08
C ASP E 114 39.61 -22.31 -14.80
N SER E 115 40.37 -22.54 -15.88
CA SER E 115 40.26 -23.75 -16.71
C SER E 115 40.84 -25.05 -16.14
N ALA E 116 41.84 -24.98 -15.25
CA ALA E 116 42.56 -26.20 -14.89
C ALA E 116 42.53 -26.49 -13.37
N ARG E 117 41.37 -26.91 -12.84
CA ARG E 117 41.22 -27.29 -11.42
C ARG E 117 40.35 -28.52 -11.23
N THR E 118 40.37 -29.03 -10.01
CA THR E 118 39.51 -30.11 -9.59
C THR E 118 38.29 -29.53 -8.88
N SER E 119 37.27 -30.36 -8.74
CA SER E 119 36.07 -30.04 -7.97
C SER E 119 36.40 -29.58 -6.54
N ARG E 120 37.33 -30.27 -5.89
CA ARG E 120 37.80 -29.88 -4.53
C ARG E 120 38.26 -28.42 -4.45
N GLU E 121 38.95 -27.95 -5.49
CA GLU E 121 39.52 -26.59 -5.54
C GLU E 121 38.65 -25.58 -6.30
N CYS E 122 37.52 -26.03 -6.85
CA CYS E 122 36.67 -25.19 -7.71
C CYS E 122 36.19 -23.91 -7.00
N GLY E 123 36.53 -22.77 -7.58
CA GLY E 123 36.22 -21.48 -6.97
C GLY E 123 34.71 -21.20 -6.94
N ILE E 124 33.98 -21.75 -7.93
CA ILE E 124 32.55 -21.62 -7.97
C ILE E 124 31.88 -22.45 -6.87
N LEU E 125 32.21 -23.74 -6.81
CA LEU E 125 31.68 -24.64 -5.76
C LEU E 125 32.06 -24.15 -4.37
N ASN E 126 33.28 -23.67 -4.21
CA ASN E 126 33.74 -23.18 -2.90
C ASN E 126 33.07 -21.88 -2.48
N SER E 127 32.73 -21.01 -3.43
CA SER E 127 32.01 -19.77 -3.10
C SER E 127 30.52 -20.04 -2.77
N LEU E 128 29.96 -21.13 -3.29
CA LEU E 128 28.60 -21.56 -2.95
C LEU E 128 28.51 -22.36 -1.65
N ALA E 129 29.65 -22.84 -1.16
CA ALA E 129 29.71 -23.52 0.14
C ALA E 129 29.92 -22.52 1.29
N MET F 1 22.95 -34.03 16.55
CA MET F 1 21.86 -34.60 15.70
C MET F 1 20.58 -33.79 15.91
N MET F 2 19.82 -33.63 14.84
CA MET F 2 18.66 -32.74 14.80
C MET F 2 17.47 -33.43 14.15
N ARG F 3 16.26 -33.10 14.63
CA ARG F 3 15.06 -33.40 13.87
C ARG F 3 14.87 -32.35 12.77
N ILE F 4 14.01 -32.66 11.83
CA ILE F 4 13.80 -31.84 10.64
C ILE F 4 13.41 -30.38 10.98
N GLY F 5 12.57 -30.21 12.01
CA GLY F 5 12.18 -28.88 12.49
C GLY F 5 13.35 -27.99 12.88
N GLU F 6 14.31 -28.58 13.59
CA GLU F 6 15.50 -27.86 14.03
C GLU F 6 16.42 -27.58 12.84
N LEU F 7 16.54 -28.55 11.94
CA LEU F 7 17.30 -28.37 10.70
C LEU F 7 16.75 -27.19 9.90
N GLY F 8 15.44 -27.16 9.73
CA GLY F 8 14.76 -26.05 9.06
C GLY F 8 15.01 -24.69 9.70
N LYS F 9 14.89 -24.61 11.01
CA LYS F 9 15.22 -23.39 11.73
C LYS F 9 16.65 -22.94 11.50
N LYS F 10 17.61 -23.87 11.58
CA LYS F 10 19.03 -23.56 11.36
C LYS F 10 19.35 -23.14 9.93
N ALA F 11 18.65 -23.73 8.95
CA ALA F 11 18.83 -23.37 7.54
C ALA F 11 17.98 -22.18 7.09
N ASP F 12 17.14 -21.67 7.99
CA ASP F 12 16.19 -20.59 7.69
C ASP F 12 15.25 -20.96 6.52
N CYS F 13 14.69 -22.16 6.59
CA CYS F 13 13.71 -22.60 5.62
C CYS F 13 12.65 -23.50 6.26
N LEU F 14 11.53 -23.64 5.56
CA LEU F 14 10.41 -24.44 6.06
C LEU F 14 10.72 -25.93 6.04
N VAL F 15 10.09 -26.66 6.95
CA VAL F 15 10.13 -28.13 6.95
C VAL F 15 9.67 -28.68 5.59
N GLN F 16 8.55 -28.15 5.08
CA GLN F 16 8.04 -28.57 3.76
C GLN F 16 9.05 -28.35 2.62
N THR F 17 9.87 -27.31 2.74
CA THR F 17 10.93 -27.05 1.77
C THR F 17 12.04 -28.11 1.86
N VAL F 18 12.44 -28.47 3.08
CA VAL F 18 13.39 -29.56 3.26
C VAL F 18 12.85 -30.86 2.64
N ARG F 19 11.58 -31.17 2.91
CA ARG F 19 10.96 -32.39 2.37
C ARG F 19 10.84 -32.35 0.85
N PHE F 20 10.61 -31.17 0.29
CA PHE F 20 10.62 -30.99 -1.18
C PHE F 20 12.00 -31.36 -1.77
N TYR F 21 13.05 -30.82 -1.18
CA TYR F 21 14.42 -31.12 -1.60
C TYR F 21 14.76 -32.60 -1.45
N GLU F 22 14.26 -33.22 -0.39
CA GLU F 22 14.40 -34.67 -0.22
C GLU F 22 13.73 -35.45 -1.33
N SER F 23 12.48 -35.10 -1.62
CA SER F 23 11.72 -35.77 -2.69
C SER F 23 12.38 -35.60 -4.07
N GLU F 24 13.11 -34.49 -4.25
CA GLU F 24 13.86 -34.22 -5.49
C GLU F 24 15.30 -34.78 -5.55
N GLY F 25 15.70 -35.53 -4.54
CA GLY F 25 17.01 -36.17 -4.52
C GLY F 25 18.18 -35.24 -4.27
N LEU F 26 17.93 -34.08 -3.65
CA LEU F 26 18.98 -33.09 -3.38
C LEU F 26 19.64 -33.23 -2.03
N LEU F 27 19.14 -34.08 -1.16
CA LEU F 27 19.75 -34.24 0.15
C LEU F 27 20.26 -35.67 0.39
N PRO F 28 21.38 -35.84 1.06
CA PRO F 28 21.83 -37.19 1.39
C PRO F 28 20.91 -37.84 2.42
N GLU F 29 21.03 -39.15 2.57
CA GLU F 29 20.20 -39.91 3.50
C GLU F 29 20.33 -39.36 4.92
N PRO F 30 19.27 -39.46 5.75
CA PRO F 30 19.36 -39.00 7.15
C PRO F 30 20.48 -39.69 7.93
N ALA F 31 21.07 -38.96 8.88
CA ALA F 31 22.18 -39.46 9.69
C ALA F 31 21.83 -40.74 10.47
N ARG F 32 20.60 -40.79 10.96
CA ARG F 32 20.00 -42.01 11.54
C ARG F 32 18.54 -42.08 11.14
N SER F 33 18.02 -43.29 10.93
CA SER F 33 16.61 -43.47 10.62
C SER F 33 16.05 -44.86 11.09
N ASN F 36 11.60 -45.85 12.44
CA ASN F 36 10.92 -44.78 11.69
C ASN F 36 11.38 -43.33 11.94
N PHE F 37 12.48 -43.15 12.67
CA PHE F 37 12.83 -41.87 13.27
C PHE F 37 14.04 -41.18 12.60
N ARG F 38 13.76 -40.22 11.73
CA ARG F 38 14.79 -39.60 10.89
C ARG F 38 15.57 -38.48 11.62
N LEU F 39 16.89 -38.57 11.63
CA LEU F 39 17.75 -37.54 12.23
C LEU F 39 18.74 -36.98 11.21
N TYR F 40 19.05 -35.70 11.38
CA TYR F 40 19.94 -34.97 10.48
C TYR F 40 21.09 -34.36 11.27
N ASP F 41 22.14 -33.96 10.58
CA ASP F 41 23.34 -33.37 11.19
C ASP F 41 23.91 -32.22 10.34
N GLU F 42 25.12 -31.81 10.67
CA GLU F 42 25.80 -30.65 10.06
C GLU F 42 25.92 -30.74 8.53
N VAL F 43 26.11 -31.95 8.02
CA VAL F 43 26.24 -32.20 6.58
C VAL F 43 24.97 -31.74 5.83
N HIS F 44 23.81 -32.05 6.41
CA HIS F 44 22.51 -31.69 5.82
C HIS F 44 22.27 -30.19 5.86
N LEU F 45 22.67 -29.55 6.96
CA LEU F 45 22.60 -28.10 7.07
C LEU F 45 23.44 -27.41 5.99
N GLN F 46 24.69 -27.83 5.84
CA GLN F 46 25.58 -27.24 4.84
C GLN F 46 25.06 -27.48 3.42
N ARG F 47 24.42 -28.61 3.20
CA ARG F 47 23.80 -28.92 1.93
C ARG F 47 22.65 -27.95 1.61
N LEU F 48 21.79 -27.71 2.60
CA LEU F 48 20.68 -26.77 2.46
C LEU F 48 21.15 -25.34 2.18
N LEU F 49 22.21 -24.93 2.85
CA LEU F 49 22.80 -23.63 2.60
C LEU F 49 23.34 -23.52 1.17
N PHE F 50 24.00 -24.58 0.69
CA PHE F 50 24.49 -24.65 -0.69
C PHE F 50 23.35 -24.50 -1.68
N ILE F 51 22.29 -25.26 -1.46
CA ILE F 51 21.07 -25.18 -2.29
C ILE F 51 20.47 -23.77 -2.29
N ARG F 52 20.38 -23.15 -1.14
CA ARG F 52 19.86 -21.81 -1.00
C ARG F 52 20.66 -20.83 -1.82
N ARG F 53 21.97 -20.88 -1.73
CA ARG F 53 22.81 -19.94 -2.50
C ARG F 53 22.66 -20.14 -4.02
N CYS F 54 22.53 -21.41 -4.45
CA CYS F 54 22.31 -21.71 -5.86
C CYS F 54 20.97 -21.17 -6.35
N ARG F 55 19.91 -21.36 -5.58
CA ARG F 55 18.58 -20.90 -5.97
C ARG F 55 18.51 -19.39 -6.04
N ALA F 56 19.23 -18.72 -5.15
CA ALA F 56 19.35 -17.25 -5.19
C ALA F 56 20.13 -16.72 -6.40
N LYS F 57 20.93 -17.57 -7.05
CA LYS F 57 21.58 -17.25 -8.33
C LYS F 57 20.81 -17.81 -9.54
N ASP F 58 19.50 -18.00 -9.38
CA ASP F 58 18.58 -18.37 -10.46
C ASP F 58 18.75 -19.81 -10.96
N MET F 59 19.44 -20.64 -10.21
CA MET F 59 19.70 -22.02 -10.69
C MET F 59 18.45 -22.91 -10.51
N THR F 60 18.16 -23.69 -11.53
CA THR F 60 17.05 -24.64 -11.47
C THR F 60 17.46 -25.85 -10.67
N LEU F 61 16.48 -26.66 -10.30
CA LEU F 61 16.75 -27.93 -9.59
C LEU F 61 17.65 -28.87 -10.38
N ASP F 62 17.53 -28.86 -11.71
CA ASP F 62 18.40 -29.69 -12.59
C ASP F 62 19.87 -29.25 -12.57
N GLU F 63 20.10 -27.94 -12.62
CA GLU F 63 21.45 -27.38 -12.49
C GLU F 63 22.05 -27.67 -11.10
N ILE F 64 21.22 -27.57 -10.08
CA ILE F 64 21.68 -27.80 -8.69
C ILE F 64 22.06 -29.26 -8.48
N ARG F 65 21.26 -30.16 -9.03
CA ARG F 65 21.53 -31.59 -9.01
C ARG F 65 22.90 -31.88 -9.67
N GLN F 66 23.15 -31.24 -10.82
CA GLN F 66 24.44 -31.33 -11.52
C GLN F 66 25.60 -30.81 -10.67
N LEU F 67 25.42 -29.64 -10.04
CA LEU F 67 26.47 -29.07 -9.19
C LEU F 67 26.75 -29.92 -7.96
N LEU F 68 25.69 -30.43 -7.33
CA LEU F 68 25.83 -31.33 -6.17
C LEU F 68 26.59 -32.61 -6.53
N ASN F 69 26.27 -33.19 -7.68
CA ASN F 69 26.96 -34.41 -8.13
C ASN F 69 28.47 -34.18 -8.33
N LEU F 70 28.83 -33.02 -8.89
CA LEU F 70 30.23 -32.62 -9.02
C LEU F 70 30.90 -32.30 -7.65
N ARG F 71 30.16 -31.61 -6.77
CA ARG F 71 30.63 -31.37 -5.39
C ARG F 71 30.94 -32.68 -4.64
N ASP F 72 30.10 -33.69 -4.84
CA ASP F 72 30.26 -35.00 -4.21
C ASP F 72 31.41 -35.84 -4.80
N ARG F 73 32.01 -35.37 -5.91
CA ARG F 73 33.16 -36.02 -6.57
C ARG F 73 34.36 -35.03 -6.66
N PRO F 74 35.04 -34.77 -5.53
CA PRO F 74 36.16 -33.81 -5.49
C PRO F 74 37.36 -34.11 -6.41
N GLU F 75 37.52 -35.38 -6.80
CA GLU F 75 38.62 -35.82 -7.67
C GLU F 75 38.44 -35.45 -9.14
N LEU F 76 37.22 -35.07 -9.54
CA LEU F 76 36.94 -34.75 -10.96
C LEU F 76 37.41 -33.35 -11.32
N GLY F 77 37.71 -33.16 -12.61
CA GLY F 77 37.86 -31.83 -13.17
C GLY F 77 36.57 -31.04 -12.96
N CYS F 78 36.71 -29.75 -12.71
CA CYS F 78 35.52 -28.86 -12.51
C CYS F 78 35.13 -28.01 -13.73
N GLY F 79 35.70 -28.34 -14.89
CA GLY F 79 35.36 -27.67 -16.18
C GLY F 79 33.87 -27.58 -16.49
N GLU F 80 33.12 -28.65 -16.19
CA GLU F 80 31.65 -28.67 -16.43
C GLU F 80 30.88 -27.68 -15.54
N VAL F 81 31.46 -27.30 -14.39
CA VAL F 81 30.89 -26.23 -13.54
C VAL F 81 30.96 -24.86 -14.24
N ASN F 82 32.13 -24.55 -14.79
CA ASN F 82 32.33 -23.32 -15.60
C ASN F 82 31.34 -23.27 -16.78
N ALA F 83 31.19 -24.40 -17.47
CA ALA F 83 30.28 -24.51 -18.64
C ALA F 83 28.80 -24.29 -18.25
N LEU F 84 28.42 -24.80 -17.10
CA LEU F 84 27.06 -24.61 -16.57
C LEU F 84 26.76 -23.13 -16.29
N VAL F 85 27.69 -22.45 -15.63
CA VAL F 85 27.54 -21.03 -15.37
C VAL F 85 27.57 -20.21 -16.67
N ASP F 86 28.49 -20.53 -17.58
CA ASP F 86 28.55 -19.85 -18.88
C ASP F 86 27.25 -19.99 -19.67
N ALA F 87 26.67 -21.19 -19.67
CA ALA F 87 25.38 -21.43 -20.38
C ALA F 87 24.24 -20.65 -19.72
N HIS F 88 24.28 -20.51 -18.39
CA HIS F 88 23.28 -19.72 -17.68
C HIS F 88 23.38 -18.23 -18.01
N ILE F 89 24.61 -17.73 -18.03
CA ILE F 89 24.86 -16.35 -18.44
C ILE F 89 24.31 -16.09 -19.86
N ALA F 90 24.61 -16.99 -20.80
CA ALA F 90 24.12 -16.87 -22.19
C ALA F 90 22.59 -16.82 -22.24
N GLN F 91 21.96 -17.70 -21.45
CA GLN F 91 20.49 -17.73 -21.31
C GLN F 91 19.89 -16.41 -20.83
N VAL F 92 20.50 -15.84 -19.79
CA VAL F 92 20.05 -14.58 -19.24
C VAL F 92 20.18 -13.44 -20.25
N ARG F 93 21.29 -13.45 -21.00
CA ARG F 93 21.54 -12.41 -21.99
C ARG F 93 20.49 -12.42 -23.11
N THR F 94 20.11 -13.62 -23.54
CA THR F 94 19.07 -13.75 -24.57
C THR F 94 17.72 -13.27 -24.03
N LYS F 95 17.42 -13.64 -22.79
CA LYS F 95 16.17 -13.23 -22.16
C LYS F 95 16.07 -11.69 -22.04
N MET F 96 17.18 -11.04 -21.72
CA MET F 96 17.23 -9.58 -21.62
C MET F 96 16.91 -8.90 -22.96
N LYS F 97 17.44 -9.46 -24.03
CA LYS F 97 17.12 -8.96 -25.39
C LYS F 97 15.64 -9.09 -25.70
N GLU F 98 15.08 -10.27 -25.43
CA GLU F 98 13.66 -10.52 -25.63
C GLU F 98 12.77 -9.61 -24.79
N LEU F 99 13.12 -9.42 -23.52
CA LEU F 99 12.37 -8.50 -22.65
C LEU F 99 12.40 -7.05 -23.08
N ARG F 100 13.54 -6.58 -23.55
CA ARG F 100 13.63 -5.21 -24.05
C ARG F 100 12.73 -5.02 -25.27
N ALA F 101 12.75 -6.00 -26.18
CA ALA F 101 11.88 -5.97 -27.34
C ALA F 101 10.41 -5.98 -26.92
N LEU F 102 10.09 -6.77 -25.91
CA LEU F 102 8.72 -6.80 -25.37
C LEU F 102 8.32 -5.44 -24.79
N GLU F 103 9.22 -4.84 -24.02
CA GLU F 103 8.97 -3.49 -23.48
C GLU F 103 8.63 -2.48 -24.58
N ARG F 104 9.43 -2.47 -25.62
CA ARG F 104 9.25 -1.59 -26.76
C ARG F 104 7.89 -1.86 -27.45
N GLU F 105 7.57 -3.12 -27.61
CA GLU F 105 6.27 -3.55 -28.18
C GLU F 105 5.07 -3.05 -27.35
N LEU F 106 5.16 -3.20 -26.05
CA LEU F 106 4.10 -2.76 -25.14
C LEU F 106 3.98 -1.23 -25.12
N MET F 107 5.11 -0.51 -25.21
CA MET F 107 5.08 0.95 -25.28
C MET F 107 4.35 1.42 -26.53
N ASP F 108 4.59 0.74 -27.65
CA ASP F 108 3.86 1.03 -28.88
C ASP F 108 2.35 0.77 -28.71
N LEU F 109 2.00 -0.34 -28.08
CA LEU F 109 0.61 -0.68 -27.80
C LEU F 109 -0.05 0.43 -26.98
N ARG F 110 0.62 0.83 -25.90
CA ARG F 110 0.09 1.89 -25.03
C ARG F 110 -0.17 3.21 -25.76
N ARG F 111 0.75 3.57 -26.67
CA ARG F 111 0.65 4.80 -27.48
C ARG F 111 -0.59 4.82 -28.41
N SER F 112 -1.19 3.66 -28.65
CA SER F 112 -2.36 3.54 -29.51
C SER F 112 -3.68 4.07 -28.88
N CYS F 113 -3.68 4.33 -27.58
CA CYS F 113 -4.87 4.90 -26.93
C CYS F 113 -4.45 6.12 -26.11
N ASP F 114 -5.12 7.25 -26.27
CA ASP F 114 -4.75 8.50 -25.60
C ASP F 114 -6.05 9.31 -25.26
N ALA F 116 -9.89 8.93 -22.06
CA ALA F 116 -11.28 9.34 -22.26
C ALA F 116 -11.84 8.75 -23.55
N ARG F 117 -11.86 7.43 -23.57
CA ARG F 117 -12.54 6.67 -24.61
C ARG F 117 -13.35 5.55 -24.01
N THR F 118 -14.21 4.98 -24.84
CA THR F 118 -14.96 3.80 -24.51
C THR F 118 -14.23 2.58 -25.06
N SER F 119 -14.61 1.42 -24.55
CA SER F 119 -14.10 0.13 -24.99
C SER F 119 -14.27 -0.06 -26.51
N ARG F 120 -15.43 0.34 -27.04
CA ARG F 120 -15.68 0.31 -28.49
C ARG F 120 -14.60 1.03 -29.31
N GLU F 121 -14.13 2.17 -28.81
CA GLU F 121 -13.14 3.02 -29.50
C GLU F 121 -11.70 2.81 -29.03
N CYS F 122 -11.49 1.93 -28.04
CA CYS F 122 -10.17 1.71 -27.48
C CYS F 122 -9.12 1.30 -28.52
N GLY F 123 -8.05 2.10 -28.64
CA GLY F 123 -7.00 1.83 -29.62
C GLY F 123 -6.22 0.54 -29.34
N ILE F 124 -6.10 0.19 -28.06
CA ILE F 124 -5.42 -1.04 -27.66
C ILE F 124 -6.26 -2.25 -28.04
N LEU F 125 -7.53 -2.26 -27.62
CA LEU F 125 -8.43 -3.36 -27.94
C LEU F 125 -8.62 -3.51 -29.45
N ASN F 126 -8.72 -2.37 -30.14
CA ASN F 126 -8.89 -2.40 -31.61
C ASN F 126 -7.64 -2.90 -32.34
N SER F 127 -6.45 -2.59 -31.82
CA SER F 127 -5.22 -3.12 -32.44
C SER F 127 -5.01 -4.62 -32.19
N LEU F 128 -5.58 -5.14 -31.10
CA LEU F 128 -5.55 -6.59 -30.80
C LEU F 128 -6.64 -7.38 -31.54
N ALA F 129 -7.64 -6.68 -32.07
CA ALA F 129 -8.68 -7.31 -32.88
C ALA F 129 -8.26 -7.38 -34.36
N MET G 1 -6.01 23.31 54.30
CA MET G 1 -6.95 24.05 53.42
C MET G 1 -6.16 24.99 52.52
N MET G 2 -6.65 25.16 51.29
CA MET G 2 -5.94 25.88 50.23
C MET G 2 -6.87 26.83 49.49
N ARG G 3 -6.33 27.97 49.05
CA ARG G 3 -7.03 28.80 48.07
C ARG G 3 -6.79 28.18 46.68
N ILE G 4 -7.60 28.64 45.73
CA ILE G 4 -7.59 28.08 44.37
C ILE G 4 -6.20 28.13 43.71
N GLY G 5 -5.48 29.23 43.93
CA GLY G 5 -4.11 29.40 43.42
C GLY G 5 -3.16 28.30 43.88
N GLU G 6 -3.24 27.95 45.16
CA GLU G 6 -2.38 26.89 45.72
C GLU G 6 -2.82 25.52 45.23
N LEU G 7 -4.14 25.32 45.12
CA LEU G 7 -4.69 24.09 44.54
C LEU G 7 -4.16 23.87 43.13
N GLY G 8 -4.23 24.93 42.31
CA GLY G 8 -3.71 24.90 40.93
C GLY G 8 -2.23 24.55 40.85
N LYS G 9 -1.43 25.19 41.71
CA LYS G 9 0.00 24.89 41.87
C LYS G 9 0.26 23.41 42.16
N LYS G 10 -0.46 22.90 43.15
CA LYS G 10 -0.34 21.48 43.54
C LYS G 10 -0.82 20.47 42.48
N ALA G 11 -1.85 20.84 41.72
CA ALA G 11 -2.35 19.99 40.64
C ALA G 11 -1.63 20.20 39.30
N ASP G 12 -0.71 21.15 39.26
CA ASP G 12 0.01 21.53 38.03
C ASP G 12 -0.95 21.96 36.91
N CYS G 13 -1.90 22.82 37.27
CA CYS G 13 -2.82 23.39 36.29
C CYS G 13 -3.19 24.82 36.64
N LEU G 14 -3.72 25.53 35.65
CA LEU G 14 -4.11 26.93 35.81
C LEU G 14 -5.35 27.06 36.68
N VAL G 15 -5.44 28.19 37.38
CA VAL G 15 -6.65 28.59 38.09
C VAL G 15 -7.87 28.57 37.15
N GLN G 16 -7.72 29.17 35.96
CA GLN G 16 -8.82 29.17 34.97
C GLN G 16 -9.29 27.75 34.58
N THR G 17 -8.36 26.79 34.60
CA THR G 17 -8.70 25.39 34.31
C THR G 17 -9.51 24.77 35.44
N VAL G 18 -9.12 25.05 36.68
CA VAL G 18 -9.90 24.64 37.84
C VAL G 18 -11.33 25.21 37.75
N ARG G 19 -11.44 26.50 37.43
CA ARG G 19 -12.75 27.17 37.31
C ARG G 19 -13.59 26.59 36.16
N PHE G 20 -12.93 26.21 35.08
CA PHE G 20 -13.61 25.53 33.96
C PHE G 20 -14.25 24.21 34.43
N TYR G 21 -13.47 23.41 35.15
CA TYR G 21 -13.95 22.14 35.68
C TYR G 21 -15.09 22.35 36.69
N GLU G 22 -15.01 23.40 37.49
CA GLU G 22 -16.10 23.79 38.40
C GLU G 22 -17.37 24.11 37.63
N SER G 23 -17.25 24.96 36.62
CA SER G 23 -18.41 25.34 35.80
C SER G 23 -19.05 24.13 35.08
N GLU G 24 -18.23 23.11 34.80
CA GLU G 24 -18.71 21.86 34.17
C GLU G 24 -19.20 20.78 35.13
N GLY G 25 -19.25 21.08 36.43
CA GLY G 25 -19.76 20.14 37.43
C GLY G 25 -18.84 18.97 37.75
N LEU G 26 -17.54 19.12 37.47
CA LEU G 26 -16.56 18.04 37.71
C LEU G 26 -15.90 18.09 39.09
N LEU G 27 -16.11 19.17 39.83
CA LEU G 27 -15.52 19.30 41.19
C LEU G 27 -16.57 19.37 42.29
N PRO G 28 -16.29 18.73 43.44
CA PRO G 28 -17.24 18.86 44.54
C PRO G 28 -17.18 20.27 45.11
N GLU G 29 -18.18 20.61 45.91
CA GLU G 29 -18.26 21.94 46.53
C GLU G 29 -16.99 22.26 47.34
N PRO G 30 -16.63 23.55 47.45
CA PRO G 30 -15.44 23.92 48.25
C PRO G 30 -15.56 23.49 49.72
N ALA G 31 -14.42 23.16 50.33
CA ALA G 31 -14.38 22.68 51.72
C ALA G 31 -14.98 23.69 52.72
N ARG G 32 -14.74 24.97 52.47
CA ARG G 32 -15.41 26.06 53.17
C ARG G 32 -15.70 27.18 52.17
N SER G 33 -16.82 27.87 52.34
CA SER G 33 -17.16 28.99 51.45
C SER G 33 -18.02 30.06 52.03
N GLU G 34 -17.63 31.32 51.84
CA GLU G 34 -18.44 32.48 52.19
C GLU G 34 -18.21 33.60 51.17
N GLY G 35 -19.07 33.72 50.16
CA GLY G 35 -18.93 34.77 49.14
C GLY G 35 -17.72 34.51 48.24
N ASN G 36 -16.82 35.49 48.18
CA ASN G 36 -15.55 35.36 47.42
C ASN G 36 -14.43 34.55 48.16
N PHE G 37 -14.75 34.06 49.36
CA PHE G 37 -13.87 33.20 50.15
C PHE G 37 -14.29 31.72 50.04
N ARG G 38 -13.56 30.97 49.21
CA ARG G 38 -13.76 29.55 48.88
C ARG G 38 -12.45 28.87 49.24
N LEU G 39 -12.52 27.78 49.97
CA LEU G 39 -11.33 26.99 50.31
C LEU G 39 -11.46 25.56 49.82
N TYR G 40 -10.33 24.98 49.45
CA TYR G 40 -10.24 23.62 48.91
C TYR G 40 -9.28 22.79 49.76
N ASP G 41 -9.35 21.48 49.61
CA ASP G 41 -8.53 20.54 50.37
C ASP G 41 -8.07 19.35 49.51
N GLU G 42 -7.53 18.32 50.17
CA GLU G 42 -6.93 17.15 49.51
C GLU G 42 -7.87 16.43 48.54
N VAL G 43 -9.17 16.39 48.87
CA VAL G 43 -10.19 15.75 48.02
C VAL G 43 -10.24 16.40 46.63
N HIS G 44 -10.17 17.73 46.61
CA HIS G 44 -10.19 18.49 45.35
C HIS G 44 -8.94 18.26 44.53
N LEU G 45 -7.79 18.19 45.20
CA LEU G 45 -6.53 17.90 44.53
C LEU G 45 -6.57 16.53 43.86
N GLN G 46 -7.01 15.51 44.60
CA GLN G 46 -7.08 14.15 44.05
C GLN G 46 -8.08 14.06 42.88
N ARG G 47 -9.14 14.85 42.97
CA ARG G 47 -10.12 14.95 41.90
C ARG G 47 -9.49 15.52 40.62
N LEU G 48 -8.73 16.61 40.76
CA LEU G 48 -8.03 17.22 39.63
C LEU G 48 -7.03 16.29 38.98
N LEU G 49 -6.32 15.53 39.79
CA LEU G 49 -5.37 14.55 39.28
C LEU G 49 -6.07 13.43 38.50
N PHE G 50 -7.21 12.99 39.02
CA PHE G 50 -8.04 12.00 38.32
C PHE G 50 -8.48 12.53 36.96
N ILE G 51 -8.99 13.76 36.94
CA ILE G 51 -9.41 14.44 35.68
C ILE G 51 -8.25 14.55 34.70
N ARG G 52 -7.09 14.94 35.19
CA ARG G 52 -5.88 15.06 34.41
C ARG G 52 -5.55 13.73 33.71
N ARG G 53 -5.53 12.65 34.45
CA ARG G 53 -5.19 11.33 33.88
C ARG G 53 -6.22 10.88 32.81
N CYS G 54 -7.50 11.16 33.05
CA CYS G 54 -8.55 10.85 32.09
C CYS G 54 -8.39 11.63 30.79
N ARG G 55 -8.13 12.93 30.91
CA ARG G 55 -7.98 13.76 29.72
C ARG G 55 -6.75 13.37 28.91
N ALA G 56 -5.70 12.94 29.58
CA ALA G 56 -4.50 12.42 28.89
C ALA G 56 -4.74 11.09 28.17
N LYS G 57 -5.80 10.37 28.52
CA LYS G 57 -6.25 9.19 27.78
C LYS G 57 -7.40 9.50 26.81
N ASP G 58 -7.48 10.76 26.37
CA ASP G 58 -8.39 11.20 25.30
C ASP G 58 -9.87 11.23 25.72
N MET G 59 -10.15 11.16 27.01
CA MET G 59 -11.54 11.16 27.45
C MET G 59 -12.17 12.56 27.37
N THR G 60 -13.40 12.61 26.90
CA THR G 60 -14.16 13.85 26.85
C THR G 60 -14.71 14.16 28.24
N LEU G 61 -15.18 15.40 28.40
CA LEU G 61 -15.83 15.82 29.67
C LEU G 61 -17.05 14.96 30.03
N ASP G 62 -17.79 14.50 29.03
CA ASP G 62 -18.95 13.61 29.26
C ASP G 62 -18.55 12.26 29.82
N GLU G 63 -17.50 11.67 29.24
CA GLU G 63 -16.95 10.41 29.74
C GLU G 63 -16.41 10.55 31.17
N ILE G 64 -15.76 11.67 31.44
CA ILE G 64 -15.17 11.93 32.77
C ILE G 64 -16.25 12.12 33.83
N ARG G 65 -17.31 12.80 33.48
CA ARG G 65 -18.46 13.03 34.33
C ARG G 65 -19.05 11.67 34.68
N GLN G 66 -19.21 10.79 33.71
CA GLN G 66 -19.69 9.46 33.99
C GLN G 66 -18.76 8.66 34.91
N LEU G 67 -17.46 8.70 34.66
CA LEU G 67 -16.50 7.98 35.50
C LEU G 67 -16.49 8.51 36.94
N LEU G 68 -16.56 9.84 37.10
CA LEU G 68 -16.63 10.49 38.41
C LEU G 68 -17.87 10.09 39.19
N ASN G 69 -19.01 10.05 38.50
CA ASN G 69 -20.25 9.60 39.13
C ASN G 69 -20.14 8.15 39.67
N LEU G 70 -19.48 7.28 38.91
CA LEU G 70 -19.24 5.89 39.33
C LEU G 70 -18.23 5.83 40.48
N ARG G 71 -17.17 6.62 40.40
CA ARG G 71 -16.16 6.71 41.47
C ARG G 71 -16.78 7.18 42.79
N ASP G 72 -17.72 8.12 42.72
CA ASP G 72 -18.45 8.62 43.90
C ASP G 72 -19.44 7.63 44.52
N ARG G 73 -19.71 6.53 43.82
CA ARG G 73 -20.68 5.52 44.26
C ARG G 73 -20.02 4.15 44.22
N PRO G 74 -19.16 3.87 45.20
CA PRO G 74 -18.39 2.62 45.20
C PRO G 74 -19.23 1.32 45.22
N GLU G 75 -20.48 1.39 45.67
CA GLU G 75 -21.37 0.21 45.72
C GLU G 75 -21.96 -0.20 44.36
N LEU G 76 -21.86 0.66 43.33
CA LEU G 76 -22.41 0.37 41.98
C LEU G 76 -21.51 -0.54 41.16
N GLY G 77 -22.13 -1.32 40.26
CA GLY G 77 -21.39 -2.21 39.39
C GLY G 77 -20.49 -1.39 38.49
N CYS G 78 -19.32 -1.93 38.16
CA CYS G 78 -18.35 -1.21 37.31
C CYS G 78 -18.31 -1.66 35.84
N GLY G 79 -19.24 -2.53 35.45
CA GLY G 79 -19.34 -3.03 34.06
C GLY G 79 -19.41 -1.93 33.02
N GLU G 80 -20.12 -0.85 33.33
CA GLU G 80 -20.21 0.29 32.41
C GLU G 80 -18.90 1.03 32.21
N VAL G 81 -17.97 0.92 33.15
CA VAL G 81 -16.63 1.50 32.99
C VAL G 81 -15.90 0.75 31.86
N ASN G 82 -15.96 -0.58 31.89
CA ASN G 82 -15.37 -1.44 30.83
C ASN G 82 -15.96 -1.11 29.47
N ALA G 83 -17.29 -0.94 29.42
CA ALA G 83 -18.01 -0.59 28.20
C ALA G 83 -17.60 0.78 27.65
N LEU G 84 -17.35 1.73 28.55
CA LEU G 84 -16.92 3.07 28.16
C LEU G 84 -15.55 3.00 27.48
N VAL G 85 -14.62 2.27 28.08
CA VAL G 85 -13.28 2.14 27.52
C VAL G 85 -13.30 1.34 26.21
N ASP G 86 -14.10 0.28 26.16
CA ASP G 86 -14.26 -0.51 24.93
C ASP G 86 -14.81 0.33 23.79
N ALA G 87 -15.80 1.17 24.07
CA ALA G 87 -16.38 2.04 23.04
C ALA G 87 -15.36 3.06 22.56
N HIS G 88 -14.52 3.55 23.47
CA HIS G 88 -13.49 4.50 23.09
C HIS G 88 -12.43 3.86 22.19
N ILE G 89 -12.01 2.64 22.54
CA ILE G 89 -11.10 1.87 21.72
C ILE G 89 -11.66 1.66 20.31
N ALA G 90 -12.92 1.26 20.22
CA ALA G 90 -13.61 1.09 18.92
C ALA G 90 -13.60 2.37 18.08
N GLN G 91 -13.88 3.48 18.74
CA GLN G 91 -13.82 4.82 18.11
C GLN G 91 -12.46 5.17 17.52
N VAL G 92 -11.41 4.91 18.30
CA VAL G 92 -10.05 5.18 17.87
C VAL G 92 -9.66 4.31 16.67
N ARG G 93 -10.09 3.05 16.68
CA ARG G 93 -9.79 2.11 15.59
C ARG G 93 -10.42 2.55 14.27
N THR G 94 -11.66 3.03 14.35
CA THR G 94 -12.36 3.53 13.16
C THR G 94 -11.67 4.79 12.63
N LYS G 95 -11.28 5.68 13.53
CA LYS G 95 -10.56 6.91 13.16
C LYS G 95 -9.23 6.59 12.46
N MET G 96 -8.50 5.59 12.93
CA MET G 96 -7.24 5.16 12.29
C MET G 96 -7.44 4.67 10.84
N LYS G 97 -8.51 3.93 10.61
CA LYS G 97 -8.86 3.47 9.26
C LYS G 97 -9.18 4.63 8.34
N GLU G 98 -9.98 5.56 8.83
CA GLU G 98 -10.33 6.77 8.09
C GLU G 98 -9.10 7.63 7.77
N LEU G 99 -8.20 7.79 8.76
CA LEU G 99 -6.97 8.57 8.53
C LEU G 99 -6.03 7.95 7.52
N ARG G 100 -5.90 6.63 7.53
CA ARG G 100 -5.05 5.96 6.55
C ARG G 100 -5.62 6.16 5.14
N ALA G 101 -6.92 6.03 5.01
CA ALA G 101 -7.58 6.29 3.71
C ALA G 101 -7.35 7.74 3.27
N LEU G 102 -7.41 8.67 4.23
CA LEU G 102 -7.15 10.09 3.94
C LEU G 102 -5.72 10.29 3.47
N GLU G 103 -4.77 9.67 4.17
CA GLU G 103 -3.36 9.74 3.78
C GLU G 103 -3.17 9.30 2.32
N ARG G 104 -3.76 8.16 1.97
CA ARG G 104 -3.63 7.61 0.61
C ARG G 104 -4.29 8.54 -0.42
N GLU G 105 -5.40 9.16 -0.04
CA GLU G 105 -6.11 10.13 -0.89
C GLU G 105 -5.25 11.37 -1.16
N LEU G 106 -4.62 11.89 -0.10
CA LEU G 106 -3.74 13.04 -0.22
C LEU G 106 -2.46 12.74 -1.00
N MET G 107 -1.92 11.54 -0.84
CA MET G 107 -0.76 11.10 -1.65
C MET G 107 -1.12 11.09 -3.15
N ASP G 108 -2.31 10.62 -3.48
CA ASP G 108 -2.78 10.62 -4.87
C ASP G 108 -2.93 12.06 -5.40
N LEU G 109 -3.49 12.94 -4.57
CA LEU G 109 -3.59 14.35 -4.89
C LEU G 109 -2.22 14.95 -5.18
N ARG G 110 -1.26 14.72 -4.29
CA ARG G 110 0.11 15.23 -4.46
C ARG G 110 0.78 14.76 -5.76
N ARG G 111 0.56 13.49 -6.12
CA ARG G 111 1.12 12.89 -7.34
C ARG G 111 0.61 13.54 -8.63
N SER G 112 -0.52 14.26 -8.55
CA SER G 112 -1.15 14.89 -9.70
C SER G 112 -0.34 16.13 -10.17
N CYS G 113 0.61 16.63 -9.38
CA CYS G 113 1.42 17.77 -9.82
C CYS G 113 2.91 17.59 -9.55
N ASP G 114 3.71 18.35 -10.30
CA ASP G 114 5.19 18.30 -10.24
C ASP G 114 5.77 19.63 -9.73
N SER G 115 7.10 19.78 -9.73
CA SER G 115 7.78 20.97 -9.20
C SER G 115 7.81 22.22 -10.11
N ALA G 116 7.61 22.09 -11.43
CA ALA G 116 7.78 23.26 -12.30
C ALA G 116 6.52 23.61 -13.14
N ARG G 117 5.48 24.13 -12.48
CA ARG G 117 4.25 24.58 -13.16
C ARG G 117 3.69 25.88 -12.58
N THR G 118 2.74 26.43 -13.31
CA THR G 118 1.98 27.59 -12.87
C THR G 118 0.68 27.13 -12.24
N SER G 119 0.05 28.03 -11.49
CA SER G 119 -1.27 27.82 -10.90
C SER G 119 -2.30 27.40 -11.95
N ARG G 120 -2.27 28.04 -13.12
CA ARG G 120 -3.17 27.68 -14.24
C ARG G 120 -3.09 26.19 -14.63
N GLU G 121 -1.88 25.64 -14.61
CA GLU G 121 -1.63 24.25 -14.99
C GLU G 121 -1.55 23.26 -13.80
N CYS G 122 -1.68 23.78 -12.58
CA CYS G 122 -1.49 22.97 -11.36
C CYS G 122 -2.44 21.75 -11.29
N GLY G 123 -1.87 20.56 -11.21
CA GLY G 123 -2.65 19.33 -11.26
C GLY G 123 -3.52 19.17 -10.01
N ILE G 124 -3.05 19.71 -8.89
CA ILE G 124 -3.82 19.68 -7.66
C ILE G 124 -5.03 20.60 -7.74
N LEU G 125 -4.80 21.87 -8.10
CA LEU G 125 -5.89 22.84 -8.27
C LEU G 125 -6.89 22.39 -9.35
N ASN G 126 -6.37 21.84 -10.44
CA ASN G 126 -7.24 21.36 -11.53
C ASN G 126 -8.07 20.12 -11.15
N SER G 127 -7.53 19.24 -10.32
CA SER G 127 -8.30 18.08 -9.85
C SER G 127 -9.37 18.46 -8.80
N LEU G 128 -9.16 19.56 -8.09
CA LEU G 128 -10.17 20.09 -7.16
C LEU G 128 -11.25 20.94 -7.83
N ALA G 129 -11.00 21.37 -9.07
CA ALA G 129 -11.98 22.10 -9.87
C ALA G 129 -12.88 21.13 -10.65
N MET H 1 -28.61 33.54 -13.73
CA MET H 1 -28.45 34.15 -12.37
C MET H 1 -29.38 33.44 -11.39
N MET H 2 -28.91 33.29 -10.15
CA MET H 2 -29.58 32.49 -9.12
C MET H 2 -29.64 33.23 -7.80
N ARG H 3 -30.71 33.00 -7.05
CA ARG H 3 -30.74 33.37 -5.64
C ARG H 3 -30.01 32.30 -4.85
N ILE H 4 -29.68 32.64 -3.61
CA ILE H 4 -28.87 31.79 -2.75
C ILE H 4 -29.46 30.37 -2.56
N GLY H 5 -30.79 30.30 -2.43
CA GLY H 5 -31.51 29.02 -2.32
C GLY H 5 -31.26 28.07 -3.48
N GLU H 6 -31.28 28.63 -4.69
CA GLU H 6 -31.03 27.84 -5.89
C GLU H 6 -29.56 27.44 -5.98
N LEU H 7 -28.67 28.37 -5.62
CA LEU H 7 -27.23 28.09 -5.56
C LEU H 7 -26.95 26.93 -4.62
N GLY H 8 -27.53 26.98 -3.43
CA GLY H 8 -27.43 25.90 -2.45
C GLY H 8 -27.91 24.54 -2.95
N LYS H 9 -29.07 24.53 -3.57
CA LYS H 9 -29.59 23.30 -4.21
C LYS H 9 -28.64 22.76 -5.25
N LYS H 10 -28.13 23.62 -6.13
CA LYS H 10 -27.17 23.21 -7.17
C LYS H 10 -25.83 22.71 -6.63
N ALA H 11 -25.37 23.30 -5.53
CA ALA H 11 -24.12 22.88 -4.89
C ALA H 11 -24.30 21.73 -3.89
N ASP H 12 -25.54 21.32 -3.65
CA ASP H 12 -25.89 20.30 -2.66
C ASP H 12 -25.41 20.70 -1.25
N CYS H 13 -25.69 21.93 -0.86
CA CYS H 13 -25.39 22.41 0.48
C CYS H 13 -26.46 23.40 0.96
N LEU H 14 -26.49 23.59 2.27
CA LEU H 14 -27.45 24.49 2.90
C LEU H 14 -27.14 25.95 2.59
N VAL H 15 -28.21 26.76 2.56
CA VAL H 15 -28.08 28.22 2.49
C VAL H 15 -27.17 28.75 3.62
N GLN H 16 -27.41 28.29 4.85
CA GLN H 16 -26.55 28.68 5.99
C GLN H 16 -25.06 28.35 5.79
N THR H 17 -24.78 27.26 5.08
CA THR H 17 -23.40 26.89 4.74
C THR H 17 -22.79 27.88 3.73
N VAL H 18 -23.55 28.25 2.71
CA VAL H 18 -23.11 29.28 1.76
C VAL H 18 -22.80 30.58 2.52
N ARG H 19 -23.69 30.99 3.42
CA ARG H 19 -23.51 32.23 4.18
C ARG H 19 -22.31 32.15 5.12
N PHE H 20 -22.06 30.97 5.68
CA PHE H 20 -20.84 30.74 6.48
C PHE H 20 -19.57 30.99 5.65
N TYR H 21 -19.53 30.39 4.46
CA TYR H 21 -18.40 30.59 3.54
C TYR H 21 -18.23 32.05 3.12
N GLU H 22 -19.36 32.75 2.91
CA GLU H 22 -19.32 34.20 2.65
C GLU H 22 -18.71 34.98 3.81
N SER H 23 -19.19 34.71 5.03
CA SER H 23 -18.65 35.38 6.22
C SER H 23 -17.17 35.12 6.43
N GLU H 24 -16.69 33.96 5.96
CA GLU H 24 -15.27 33.59 6.05
C GLU H 24 -14.40 34.05 4.85
N GLY H 25 -14.96 34.81 3.93
CA GLY H 25 -14.21 35.36 2.80
C GLY H 25 -13.83 34.35 1.73
N LEU H 26 -14.56 33.23 1.65
CA LEU H 26 -14.26 32.18 0.67
C LEU H 26 -15.01 32.33 -0.65
N LEU H 27 -15.94 33.25 -0.75
CA LEU H 27 -16.67 33.41 -1.99
C LEU H 27 -16.52 34.79 -2.60
N PRO H 28 -16.44 34.90 -3.91
CA PRO H 28 -16.37 36.23 -4.51
C PRO H 28 -17.70 36.96 -4.36
N GLU H 29 -17.66 38.27 -4.59
CA GLU H 29 -18.84 39.13 -4.45
C GLU H 29 -19.98 38.61 -5.32
N PRO H 30 -21.25 38.84 -4.90
CA PRO H 30 -22.39 38.41 -5.72
C PRO H 30 -22.37 39.04 -7.12
N ALA H 31 -22.89 38.31 -8.11
CA ALA H 31 -22.92 38.76 -9.51
C ALA H 31 -23.68 40.09 -9.69
N ARG H 32 -24.76 40.25 -8.94
CA ARG H 32 -25.48 41.52 -8.81
C ARG H 32 -25.93 41.68 -7.37
N SER H 33 -25.94 42.91 -6.86
CA SER H 33 -26.45 43.19 -5.50
C SER H 33 -26.98 44.65 -5.38
N GLU H 34 -27.66 45.10 -6.43
CA GLU H 34 -28.35 46.39 -6.46
C GLU H 34 -29.73 46.11 -5.86
N GLY H 35 -30.36 47.13 -5.27
CA GLY H 35 -31.67 46.98 -4.64
C GLY H 35 -31.72 46.08 -3.41
N ASN H 36 -30.59 45.92 -2.68
CA ASN H 36 -30.47 44.99 -1.52
C ASN H 36 -30.45 43.50 -1.93
N PHE H 37 -30.46 43.24 -3.23
CA PHE H 37 -30.87 41.96 -3.79
C PHE H 37 -29.70 41.16 -4.40
N ARG H 38 -29.13 40.25 -3.65
CA ARG H 38 -28.00 39.47 -4.09
C ARG H 38 -28.27 38.35 -5.07
N LEU H 39 -27.52 38.32 -6.14
CA LEU H 39 -27.61 37.26 -7.14
C LEU H 39 -26.26 36.59 -7.38
N TYR H 40 -26.32 35.30 -7.68
CA TYR H 40 -25.13 34.47 -7.89
C TYR H 40 -25.21 33.81 -9.26
N ASP H 41 -24.08 33.30 -9.74
CA ASP H 41 -23.97 32.66 -11.05
C ASP H 41 -23.02 31.45 -11.00
N GLU H 42 -22.66 30.95 -12.19
CA GLU H 42 -21.86 29.74 -12.37
C GLU H 42 -20.52 29.76 -11.62
N VAL H 43 -19.90 30.94 -11.54
CA VAL H 43 -18.61 31.11 -10.86
C VAL H 43 -18.72 30.74 -9.38
N HIS H 44 -19.82 31.14 -8.75
CA HIS H 44 -20.07 30.85 -7.33
C HIS H 44 -20.33 29.37 -7.10
N LEU H 45 -21.08 28.75 -8.01
CA LEU H 45 -21.32 27.31 -7.96
C LEU H 45 -20.00 26.52 -8.03
N GLN H 46 -19.17 26.85 -9.01
CA GLN H 46 -17.88 26.17 -9.16
C GLN H 46 -16.97 26.37 -7.94
N ARG H 47 -17.08 27.55 -7.33
CA ARG H 47 -16.33 27.87 -6.12
C ARG H 47 -16.76 26.98 -4.96
N LEU H 48 -18.07 26.83 -4.78
CA LEU H 48 -18.63 25.97 -3.75
C LEU H 48 -18.24 24.51 -3.94
N LEU H 49 -18.23 24.05 -5.17
CA LEU H 49 -17.79 22.68 -5.47
C LEU H 49 -16.31 22.48 -5.13
N PHE H 50 -15.48 23.48 -5.43
CA PHE H 50 -14.06 23.46 -5.09
C PHE H 50 -13.88 23.35 -3.57
N ILE H 51 -14.60 24.19 -2.84
CA ILE H 51 -14.58 24.19 -1.37
C ILE H 51 -15.02 22.83 -0.81
N ARG H 52 -16.09 22.26 -1.33
CA ARG H 52 -16.57 20.96 -0.94
C ARG H 52 -15.50 19.88 -1.12
N ARG H 53 -14.84 19.85 -2.26
CA ARG H 53 -13.80 18.83 -2.49
C ARG H 53 -12.62 18.99 -1.55
N CYS H 54 -12.24 20.24 -1.25
CA CYS H 54 -11.16 20.52 -0.30
C CYS H 54 -11.52 20.05 1.12
N ARG H 55 -12.73 20.37 1.56
CA ARG H 55 -13.16 19.97 2.90
C ARG H 55 -13.27 18.47 3.05
N ALA H 56 -13.68 17.79 2.00
CA ALA H 56 -13.68 16.31 1.96
C ALA H 56 -12.27 15.68 2.01
N LYS H 57 -11.24 16.45 1.67
CA LYS H 57 -9.83 16.02 1.85
C LYS H 57 -9.20 16.61 3.14
N ASP H 58 -10.05 16.91 4.13
CA ASP H 58 -9.63 17.29 5.49
C ASP H 58 -9.02 18.70 5.57
N MET H 59 -9.19 19.51 4.54
CA MET H 59 -8.58 20.84 4.57
C MET H 59 -9.34 21.81 5.46
N THR H 60 -8.60 22.59 6.24
CA THR H 60 -9.19 23.61 7.08
C THR H 60 -9.56 24.81 6.22
N LEU H 61 -10.35 25.70 6.79
CA LEU H 61 -10.69 26.96 6.14
C LEU H 61 -9.46 27.82 5.79
N ASP H 62 -8.43 27.78 6.63
CA ASP H 62 -7.18 28.51 6.36
C ASP H 62 -6.43 27.96 5.14
N GLU H 63 -6.35 26.65 5.03
CA GLU H 63 -5.74 25.99 3.85
C GLU H 63 -6.53 26.28 2.58
N ILE H 64 -7.85 26.29 2.70
CA ILE H 64 -8.72 26.53 1.55
C ILE H 64 -8.58 27.97 1.06
N ARG H 65 -8.43 28.88 2.01
CA ARG H 65 -8.23 30.31 1.74
C ARG H 65 -6.94 30.48 0.95
N GLN H 66 -5.91 29.79 1.38
CA GLN H 66 -4.60 29.76 0.69
C GLN H 66 -4.72 29.20 -0.73
N LEU H 67 -5.41 28.07 -0.88
CA LEU H 67 -5.58 27.46 -2.21
C LEU H 67 -6.39 28.33 -3.16
N LEU H 68 -7.48 28.93 -2.65
CA LEU H 68 -8.30 29.86 -3.43
C LEU H 68 -7.49 31.07 -3.91
N ASN H 69 -6.66 31.63 -3.02
CA ASN H 69 -5.81 32.78 -3.39
C ASN H 69 -4.82 32.45 -4.52
N LEU H 70 -4.23 31.26 -4.46
CA LEU H 70 -3.39 30.74 -5.55
C LEU H 70 -4.18 30.42 -6.85
N ARG H 71 -5.36 29.84 -6.71
CA ARG H 71 -6.27 29.62 -7.86
C ARG H 71 -6.63 30.94 -8.57
N ASP H 72 -6.86 31.99 -7.80
CA ASP H 72 -7.20 33.32 -8.33
C ASP H 72 -6.02 34.05 -8.99
N ARG H 73 -4.80 33.50 -8.86
CA ARG H 73 -3.57 34.02 -9.47
C ARG H 73 -2.91 32.95 -10.40
N PRO H 74 -3.48 32.71 -11.60
CA PRO H 74 -2.98 31.65 -12.51
C PRO H 74 -1.54 31.84 -13.00
N GLU H 75 -1.04 33.08 -12.97
CA GLU H 75 0.33 33.40 -13.41
C GLU H 75 1.43 32.98 -12.43
N LEU H 76 1.07 32.68 -11.18
CA LEU H 76 2.06 32.31 -10.16
C LEU H 76 2.54 30.87 -10.30
N GLY H 77 3.74 30.61 -9.83
CA GLY H 77 4.19 29.25 -9.59
C GLY H 77 3.24 28.56 -8.60
N CYS H 78 3.02 27.26 -8.79
CA CYS H 78 2.14 26.48 -7.90
C CYS H 78 2.88 25.61 -6.87
N GLY H 79 4.18 25.84 -6.71
CA GLY H 79 5.01 25.14 -5.70
C GLY H 79 4.45 25.15 -4.27
N GLU H 80 3.87 26.29 -3.86
CA GLU H 80 3.25 26.41 -2.52
C GLU H 80 2.01 25.51 -2.33
N VAL H 81 1.34 25.13 -3.42
CA VAL H 81 0.25 24.15 -3.37
C VAL H 81 0.78 22.75 -2.98
N ASN H 82 1.86 22.33 -3.64
CA ASN H 82 2.54 21.06 -3.33
C ASN H 82 2.98 21.02 -1.86
N ALA H 83 3.55 22.13 -1.40
CA ALA H 83 4.03 22.25 0.00
C ALA H 83 2.89 22.15 1.03
N LEU H 84 1.74 22.73 0.69
CA LEU H 84 0.54 22.67 1.53
C LEU H 84 0.03 21.24 1.69
N VAL H 85 -0.05 20.52 0.56
CA VAL H 85 -0.46 19.11 0.61
C VAL H 85 0.59 18.23 1.33
N ASP H 86 1.88 18.47 1.07
CA ASP H 86 2.94 17.72 1.76
C ASP H 86 2.90 17.92 3.27
N ALA H 87 2.66 19.16 3.70
CA ALA H 87 2.56 19.46 5.15
C ALA H 87 1.33 18.78 5.78
N HIS H 88 0.24 18.71 5.02
CA HIS H 88 -0.96 18.03 5.50
C HIS H 88 -0.75 16.52 5.64
N ILE H 89 -0.11 15.93 4.64
CA ILE H 89 0.28 14.51 4.72
C ILE H 89 1.15 14.24 5.97
N ALA H 90 2.16 15.07 6.19
CA ALA H 90 3.04 14.94 7.39
C ALA H 90 2.24 15.01 8.69
N GLN H 91 1.32 15.95 8.75
CA GLN H 91 0.38 16.10 9.89
C GLN H 91 -0.46 14.85 10.18
N VAL H 92 -1.03 14.28 9.13
CA VAL H 92 -1.84 13.08 9.25
C VAL H 92 -1.01 11.87 9.71
N ARG H 93 0.22 11.77 9.20
CA ARG H 93 1.12 10.68 9.60
C ARG H 93 1.47 10.73 11.09
N THR H 94 1.70 11.93 11.60
CA THR H 94 2.00 12.11 13.04
C THR H 94 0.77 11.77 13.89
N LYS H 95 -0.40 12.20 13.44
CA LYS H 95 -1.64 11.90 14.14
C LYS H 95 -1.90 10.39 14.22
N MET H 96 -1.61 9.67 13.13
CA MET H 96 -1.77 8.20 13.11
C MET H 96 -0.88 7.50 14.16
N LYS H 97 0.35 7.98 14.29
CA LYS H 97 1.27 7.45 15.32
C LYS H 97 0.74 7.68 16.71
N GLU H 98 0.29 8.90 16.97
CA GLU H 98 -0.30 9.27 18.27
C GLU H 98 -1.56 8.45 18.59
N LEU H 99 -2.44 8.28 17.60
CA LEU H 99 -3.65 7.46 17.79
C LEU H 99 -3.37 5.99 18.06
N ARG H 100 -2.39 5.41 17.37
CA ARG H 100 -2.03 4.02 17.62
C ARG H 100 -1.50 3.86 19.05
N ALA H 101 -0.67 4.80 19.47
CA ALA H 101 -0.17 4.77 20.87
C ALA H 101 -1.33 4.91 21.86
N LEU H 102 -2.32 5.76 21.54
CA LEU H 102 -3.50 5.91 22.39
C LEU H 102 -4.31 4.61 22.46
N GLU H 103 -4.51 3.97 21.30
CA GLU H 103 -5.18 2.66 21.26
C GLU H 103 -4.51 1.65 22.19
N ARG H 104 -3.19 1.53 22.10
CA ARG H 104 -2.43 0.60 22.94
C ARG H 104 -2.54 0.94 24.44
N GLU H 105 -2.55 2.23 24.73
CA GLU H 105 -2.72 2.74 26.11
C GLU H 105 -4.11 2.35 26.67
N LEU H 106 -5.14 2.54 25.86
CA LEU H 106 -6.50 2.20 26.26
C LEU H 106 -6.71 0.69 26.40
N MET H 107 -6.07 -0.10 25.54
CA MET H 107 -6.10 -1.56 25.65
C MET H 107 -5.50 -2.03 27.00
N ASP H 108 -4.40 -1.39 27.38
CA ASP H 108 -3.78 -1.68 28.69
C ASP H 108 -4.73 -1.32 29.85
N LEU H 109 -5.37 -0.16 29.75
CA LEU H 109 -6.36 0.28 30.74
C LEU H 109 -7.48 -0.75 30.86
N ARG H 110 -8.05 -1.17 29.72
CA ARG H 110 -9.13 -2.16 29.70
C ARG H 110 -8.75 -3.49 30.35
N ARG H 111 -7.52 -3.94 30.10
CA ARG H 111 -6.98 -5.19 30.71
C ARG H 111 -6.91 -5.16 32.25
N SER H 112 -6.94 -3.97 32.83
CA SER H 112 -6.86 -3.80 34.30
C SER H 112 -8.15 -4.22 35.04
N CYS H 113 -9.26 -4.42 34.34
CA CYS H 113 -10.50 -4.88 34.99
C CYS H 113 -11.03 -6.11 34.23
N ASP H 114 -11.33 -7.20 34.93
CA ASP H 114 -11.74 -8.45 34.25
C ASP H 114 -12.78 -9.32 34.98
N ALA H 116 -17.62 -8.44 36.60
CA ALA H 116 -18.23 -8.72 37.89
C ALA H 116 -17.41 -8.14 39.04
N ARG H 117 -17.33 -6.82 39.02
CA ARG H 117 -16.78 -6.05 40.13
C ARG H 117 -17.66 -4.85 40.44
N THR H 118 -17.40 -4.26 41.59
CA THR H 118 -18.01 -3.01 42.00
C THR H 118 -17.05 -1.87 41.65
N SER H 119 -17.61 -0.66 41.64
CA SER H 119 -16.87 0.57 41.42
C SER H 119 -15.70 0.71 42.39
N ARG H 120 -15.92 0.37 43.65
CA ARG H 120 -14.85 0.36 44.67
C ARG H 120 -13.63 -0.48 44.25
N GLU H 121 -13.87 -1.62 43.63
CA GLU H 121 -12.80 -2.56 43.23
C GLU H 121 -12.38 -2.42 41.76
N CYS H 122 -13.02 -1.52 41.02
CA CYS H 122 -12.75 -1.38 39.58
C CYS H 122 -11.27 -1.08 39.26
N GLY H 123 -10.64 -1.95 38.47
CA GLY H 123 -9.22 -1.80 38.14
C GLY H 123 -8.95 -0.56 37.29
N ILE H 124 -9.91 -0.17 36.47
CA ILE H 124 -9.79 1.04 35.64
C ILE H 124 -9.85 2.29 36.50
N LEU H 125 -10.90 2.41 37.32
CA LEU H 125 -11.06 3.56 38.22
C LEU H 125 -9.90 3.65 39.20
N ASN H 126 -9.45 2.50 39.70
CA ASN H 126 -8.34 2.48 40.66
C ASN H 126 -7.00 2.87 40.02
N SER H 127 -6.78 2.51 38.76
CA SER H 127 -5.55 2.91 38.06
C SER H 127 -5.54 4.42 37.71
N LEU H 128 -6.73 5.01 37.56
CA LEU H 128 -6.86 6.45 37.31
C LEU H 128 -6.80 7.30 38.60
N ALA H 129 -6.97 6.66 39.74
CA ALA H 129 -6.82 7.31 41.05
C ALA H 129 -5.35 7.29 41.51
#